data_1NF2
#
_entry.id   1NF2
#
_cell.length_a   158.410
_cell.length_b   93.880
_cell.length_c   98.420
_cell.angle_alpha   90.00
_cell.angle_beta   127.91
_cell.angle_gamma   90.00
#
_symmetry.space_group_name_H-M   'C 1 2 1'
#
loop_
_entity.id
_entity.type
_entity.pdbx_description
1 polymer phosphatase
2 non-polymer 'SULFATE ION'
3 non-polymer 'MAGNESIUM ION'
4 water water
#
_entity_poly.entity_id   1
_entity_poly.type   'polypeptide(L)'
_entity_poly.pdbx_seq_one_letter_code
;MYRVFVFDLDGTLLNDNLEISEKDRRNIEKLSRKCYVVFASGRMLVSTLNVEKKYFKRTFPTIAYNGAIVYLPEEGVILN
EKIPPEVAKDIIEYIKPLNVHWQAYIDDVLYSEKDNEEIKSYARHSNVDYRVEPNLSELVSKMGTTKLLLIDTPERLDEL
KEILSERFKDVVKVFKSFPTYLEIVPKNVDKGKALRFLRERMNWKKEEIVVFGDNENDLFMFEEAGLRVAMENAIEKVKE
ASDIVTLTNNDSGVSYVLERISTDCLDE
;
_entity_poly.pdbx_strand_id   A,B,C
#
# COMPACT_ATOMS: atom_id res chain seq x y z
N MET A 1 11.17 13.85 -1.88
CA MET A 1 10.64 13.64 -0.51
C MET A 1 10.18 12.21 -0.26
N TYR A 2 10.20 11.81 1.01
CA TYR A 2 9.82 10.47 1.43
C TYR A 2 8.47 10.47 2.12
N ARG A 3 7.65 9.46 1.82
CA ARG A 3 6.31 9.36 2.42
C ARG A 3 6.02 7.99 3.04
N VAL A 4 6.98 7.07 2.93
CA VAL A 4 6.80 5.72 3.47
C VAL A 4 8.04 5.38 4.30
N PHE A 5 7.82 5.00 5.55
CA PHE A 5 8.90 4.72 6.47
C PHE A 5 8.84 3.29 7.03
N VAL A 6 9.80 2.45 6.63
CA VAL A 6 9.83 1.06 7.06
C VAL A 6 10.87 0.83 8.16
N PHE A 7 10.45 0.22 9.25
CA PHE A 7 11.34 -0.02 10.38
C PHE A 7 11.39 -1.47 10.86
N ASP A 8 12.59 -2.02 10.99
CA ASP A 8 12.70 -3.37 11.54
C ASP A 8 12.54 -3.06 13.03
N LEU A 9 12.16 -4.06 13.83
CA LEU A 9 11.98 -3.85 15.26
C LEU A 9 13.27 -4.14 16.02
N ASP A 10 13.57 -5.42 16.24
CA ASP A 10 14.78 -5.83 16.95
C ASP A 10 16.03 -5.20 16.32
N GLY A 11 16.97 -4.79 17.18
CA GLY A 11 18.21 -4.18 16.72
C GLY A 11 18.06 -2.89 15.95
N THR A 12 16.84 -2.38 15.85
CA THR A 12 16.56 -1.17 15.06
C THR A 12 15.72 -0.14 15.82
N LEU A 13 14.39 -0.29 15.79
CA LEU A 13 13.52 0.62 16.52
C LEU A 13 13.50 0.26 18.00
N LEU A 14 13.68 -1.03 18.31
CA LEU A 14 13.70 -1.50 19.71
C LEU A 14 15.13 -1.50 20.20
N ASN A 15 15.36 -1.07 21.44
CA ASN A 15 16.71 -1.09 21.97
C ASN A 15 16.98 -2.51 22.47
N ASP A 16 18.16 -2.74 23.01
CA ASP A 16 18.51 -4.06 23.50
C ASP A 16 17.59 -4.58 24.60
N ASN A 17 16.80 -3.72 25.21
CA ASN A 17 15.88 -4.16 26.26
C ASN A 17 14.48 -4.30 25.67
N LEU A 18 14.43 -4.34 24.34
CA LEU A 18 13.18 -4.50 23.60
C LEU A 18 12.16 -3.38 23.80
N GLU A 19 12.64 -2.18 24.07
CA GLU A 19 11.74 -1.04 24.26
C GLU A 19 12.06 0.04 23.23
N ILE A 20 11.09 0.91 23.00
CA ILE A 20 11.24 2.01 22.05
C ILE A 20 11.40 3.31 22.84
N SER A 21 12.48 4.04 22.58
CA SER A 21 12.71 5.31 23.29
C SER A 21 11.58 6.29 23.01
N GLU A 22 11.35 7.22 23.94
CA GLU A 22 10.30 8.23 23.76
C GLU A 22 10.61 9.08 22.55
N LYS A 23 11.89 9.38 22.34
CA LYS A 23 12.26 10.19 21.19
C LYS A 23 11.79 9.54 19.89
N ASP A 24 12.11 8.25 19.71
CA ASP A 24 11.71 7.53 18.50
C ASP A 24 10.19 7.43 18.42
N ARG A 25 9.55 7.18 19.56
CA ARG A 25 8.10 7.09 19.59
C ARG A 25 7.48 8.38 19.10
N ARG A 26 7.88 9.51 19.67
CA ARG A 26 7.31 10.80 19.26
C ARG A 26 7.52 11.12 17.78
N ASN A 27 8.69 10.78 17.24
CA ASN A 27 8.94 11.05 15.84
C ASN A 27 8.06 10.21 14.94
N ILE A 28 7.82 8.97 15.33
CA ILE A 28 6.96 8.09 14.54
C ILE A 28 5.54 8.66 14.58
N GLU A 29 5.09 9.03 15.77
CA GLU A 29 3.75 9.62 15.95
C GLU A 29 3.54 10.78 14.99
N LYS A 30 4.53 11.66 14.89
CA LYS A 30 4.42 12.80 13.99
C LYS A 30 4.30 12.40 12.52
N LEU A 31 5.07 11.39 12.11
CA LEU A 31 5.02 10.90 10.74
C LEU A 31 3.70 10.22 10.41
N SER A 32 3.24 9.39 11.34
CA SER A 32 2.00 8.63 11.15
C SER A 32 0.83 9.51 10.74
N ARG A 33 0.96 10.80 10.96
CA ARG A 33 -0.07 11.75 10.58
C ARG A 33 0.22 12.13 9.14
N LYS A 34 -0.70 11.79 8.25
CA LYS A 34 -0.57 12.06 6.82
C LYS A 34 0.35 11.08 6.08
N CYS A 35 1.33 10.50 6.76
CA CYS A 35 2.26 9.55 6.12
C CYS A 35 2.14 8.08 6.54
N TYR A 36 2.75 7.20 5.74
CA TYR A 36 2.71 5.76 6.01
C TYR A 36 3.89 5.18 6.77
N VAL A 37 3.58 4.48 7.86
CA VAL A 37 4.61 3.84 8.67
C VAL A 37 4.44 2.31 8.58
N VAL A 38 5.55 1.60 8.37
CA VAL A 38 5.53 0.14 8.25
C VAL A 38 6.52 -0.55 9.20
N PHE A 39 6.04 -1.57 9.92
CA PHE A 39 6.89 -2.33 10.82
C PHE A 39 7.14 -3.71 10.20
N ALA A 40 8.40 -4.12 10.16
CA ALA A 40 8.77 -5.39 9.57
C ALA A 40 9.61 -6.19 10.54
N SER A 41 9.08 -7.32 11.01
CA SER A 41 9.77 -8.13 11.99
C SER A 41 9.80 -9.63 11.68
N GLY A 42 10.67 -10.34 12.38
CA GLY A 42 10.75 -11.79 12.22
C GLY A 42 9.85 -12.43 13.26
N ARG A 43 9.36 -11.62 14.19
CA ARG A 43 8.49 -12.08 15.27
C ARG A 43 7.07 -12.40 14.77
N MET A 44 6.27 -13.04 15.63
CA MET A 44 4.90 -13.41 15.31
C MET A 44 4.09 -12.14 14.98
N LEU A 45 2.95 -12.30 14.31
CA LEU A 45 2.13 -11.13 13.97
C LEU A 45 1.57 -10.48 15.23
N VAL A 46 1.06 -11.30 16.14
CA VAL A 46 0.51 -10.78 17.39
C VAL A 46 1.55 -10.02 18.21
N SER A 47 2.76 -10.56 18.28
CA SER A 47 3.82 -9.91 19.03
C SER A 47 4.13 -8.54 18.44
N THR A 48 4.11 -8.47 17.11
CA THR A 48 4.41 -7.23 16.41
C THR A 48 3.29 -6.21 16.58
N LEU A 49 2.04 -6.65 16.42
CA LEU A 49 0.92 -5.74 16.57
C LEU A 49 0.82 -5.24 18.01
N ASN A 50 1.28 -6.06 18.95
CA ASN A 50 1.24 -5.69 20.36
C ASN A 50 2.21 -4.57 20.71
N VAL A 51 3.33 -4.52 20.01
CA VAL A 51 4.32 -3.47 20.24
C VAL A 51 3.72 -2.18 19.68
N GLU A 52 3.09 -2.30 18.52
CA GLU A 52 2.46 -1.16 17.85
C GLU A 52 1.38 -0.54 18.73
N LYS A 53 0.50 -1.36 19.27
CA LYS A 53 -0.57 -0.85 20.11
C LYS A 53 -0.07 -0.32 21.45
N LYS A 54 1.03 -0.88 21.95
CA LYS A 54 1.59 -0.44 23.22
C LYS A 54 2.15 0.97 23.18
N TYR A 55 2.91 1.28 22.13
CA TYR A 55 3.53 2.61 21.99
C TYR A 55 2.65 3.59 21.22
N PHE A 56 1.75 3.05 20.41
CA PHE A 56 0.81 3.85 19.63
C PHE A 56 -0.47 3.06 19.79
N LYS A 57 -1.56 3.72 20.14
CA LYS A 57 -2.82 2.99 20.32
C LYS A 57 -3.46 2.66 18.98
N ARG A 58 -2.74 1.90 18.16
CA ARG A 58 -3.23 1.53 16.84
C ARG A 58 -2.31 0.53 16.15
N THR A 59 -2.70 0.08 14.95
CA THR A 59 -1.87 -0.85 14.19
C THR A 59 -1.50 -0.18 12.88
N PHE A 60 -0.44 -0.68 12.25
CA PHE A 60 0.04 -0.13 11.00
C PHE A 60 0.26 -1.26 10.00
N PRO A 61 0.51 -0.92 8.73
CA PRO A 61 0.76 -1.98 7.74
C PRO A 61 1.92 -2.74 8.39
N THR A 62 1.84 -4.06 8.43
CA THR A 62 2.88 -4.83 9.08
C THR A 62 3.41 -6.06 8.33
N ILE A 63 4.72 -6.27 8.43
CA ILE A 63 5.38 -7.43 7.84
C ILE A 63 5.87 -8.23 9.04
N ALA A 64 5.36 -9.45 9.17
CA ALA A 64 5.70 -10.34 10.28
C ALA A 64 6.29 -11.68 9.79
N TYR A 65 6.77 -12.50 10.72
CA TYR A 65 7.36 -13.79 10.36
C TYR A 65 8.38 -13.65 9.25
N ASN A 66 9.14 -12.56 9.28
CA ASN A 66 10.18 -12.31 8.28
C ASN A 66 9.71 -12.37 6.83
N GLY A 67 8.51 -11.87 6.57
CA GLY A 67 8.01 -11.87 5.20
C GLY A 67 6.84 -12.78 4.85
N ALA A 68 6.52 -13.74 5.71
CA ALA A 68 5.44 -14.68 5.44
C ALA A 68 4.08 -14.03 5.60
N ILE A 69 3.98 -13.03 6.48
CA ILE A 69 2.73 -12.34 6.68
C ILE A 69 2.79 -10.84 6.39
N VAL A 70 1.79 -10.36 5.65
CA VAL A 70 1.67 -8.94 5.35
C VAL A 70 0.27 -8.57 5.85
N TYR A 71 0.22 -7.62 6.78
CA TYR A 71 -1.03 -7.19 7.36
C TYR A 71 -1.33 -5.71 7.17
N LEU A 72 -2.60 -5.40 6.92
CA LEU A 72 -3.07 -4.02 6.75
C LEU A 72 -4.13 -3.77 7.82
N PRO A 73 -4.01 -2.65 8.56
CA PRO A 73 -4.95 -2.30 9.62
C PRO A 73 -6.42 -2.48 9.24
N GLU A 74 -6.74 -2.19 7.98
CA GLU A 74 -8.13 -2.30 7.53
C GLU A 74 -8.51 -3.66 6.95
N GLU A 75 -7.72 -4.14 5.99
CA GLU A 75 -7.98 -5.43 5.33
C GLU A 75 -7.62 -6.64 6.17
N GLY A 76 -6.59 -6.50 7.00
CA GLY A 76 -6.14 -7.62 7.81
C GLY A 76 -4.99 -8.27 7.05
N VAL A 77 -4.87 -9.59 7.14
CA VAL A 77 -3.81 -10.30 6.44
C VAL A 77 -4.10 -10.43 4.95
N ILE A 78 -3.22 -9.90 4.11
CA ILE A 78 -3.41 -9.97 2.67
C ILE A 78 -2.36 -10.87 2.00
N LEU A 79 -1.42 -11.35 2.81
CA LEU A 79 -0.39 -12.27 2.34
C LEU A 79 -0.15 -13.21 3.52
N ASN A 80 -0.35 -14.49 3.28
CA ASN A 80 -0.18 -15.48 4.34
C ASN A 80 0.57 -16.70 3.80
N GLU A 81 1.89 -16.60 3.77
CA GLU A 81 2.76 -17.68 3.29
C GLU A 81 2.91 -18.75 4.36
N LYS A 82 2.75 -20.02 3.96
CA LYS A 82 2.87 -21.13 4.91
C LYS A 82 3.44 -22.39 4.28
N ILE A 83 3.72 -23.38 5.11
CA ILE A 83 4.23 -24.65 4.60
C ILE A 83 2.98 -25.41 4.17
N PRO A 84 2.91 -25.81 2.88
CA PRO A 84 1.74 -26.55 2.40
C PRO A 84 1.51 -27.81 3.24
N PRO A 85 0.24 -28.03 3.68
CA PRO A 85 -0.14 -29.19 4.49
C PRO A 85 0.44 -30.52 4.04
N GLU A 86 0.88 -30.59 2.78
CA GLU A 86 1.46 -31.81 2.24
C GLU A 86 2.91 -31.94 2.67
N VAL A 87 3.75 -31.00 2.24
CA VAL A 87 5.15 -31.02 2.62
C VAL A 87 5.22 -30.99 4.15
N ALA A 88 4.26 -30.33 4.77
CA ALA A 88 4.22 -30.23 6.22
C ALA A 88 3.95 -31.60 6.81
N LYS A 89 3.00 -32.33 6.23
CA LYS A 89 2.67 -33.67 6.70
C LYS A 89 3.88 -34.58 6.52
N ASP A 90 4.52 -34.50 5.37
CA ASP A 90 5.70 -35.31 5.07
C ASP A 90 6.82 -35.06 6.07
N ILE A 91 7.02 -33.80 6.43
CA ILE A 91 8.08 -33.43 7.36
C ILE A 91 7.79 -33.97 8.76
N ILE A 92 6.55 -33.85 9.21
CA ILE A 92 6.16 -34.33 10.53
C ILE A 92 6.24 -35.86 10.63
N GLU A 93 5.75 -36.56 9.63
CA GLU A 93 5.79 -38.02 9.64
C GLU A 93 7.24 -38.51 9.58
N TYR A 94 8.10 -37.70 8.96
CA TYR A 94 9.51 -38.04 8.85
C TYR A 94 10.24 -37.79 10.17
N ILE A 95 9.89 -36.68 10.81
CA ILE A 95 10.53 -36.25 12.04
C ILE A 95 10.10 -36.95 13.35
N LYS A 96 8.86 -37.42 13.42
CA LYS A 96 8.39 -38.07 14.63
C LYS A 96 9.14 -39.34 15.04
N PRO A 97 9.39 -40.26 14.10
CA PRO A 97 10.11 -41.48 14.49
C PRO A 97 11.49 -41.15 15.07
N LEU A 98 11.98 -39.96 14.79
CA LEU A 98 13.29 -39.51 15.27
C LEU A 98 13.25 -38.98 16.71
N ASN A 99 12.09 -39.08 17.35
CA ASN A 99 11.92 -38.60 18.72
C ASN A 99 12.68 -37.30 19.00
N VAL A 100 12.05 -36.19 18.63
CA VAL A 100 12.62 -34.86 18.83
C VAL A 100 11.59 -33.96 19.50
N HIS A 101 12.00 -32.75 19.86
CA HIS A 101 11.11 -31.80 20.49
C HIS A 101 10.79 -30.70 19.46
N TRP A 102 9.60 -30.79 18.91
CA TRP A 102 9.18 -29.82 17.91
C TRP A 102 7.93 -29.08 18.31
N GLN A 103 7.80 -27.87 17.76
CA GLN A 103 6.68 -26.98 18.00
C GLN A 103 6.21 -26.44 16.66
N ALA A 104 5.00 -25.93 16.60
CA ALA A 104 4.48 -25.41 15.33
C ALA A 104 3.77 -24.07 15.49
N TYR A 105 3.92 -23.21 14.48
CA TYR A 105 3.28 -21.91 14.46
C TYR A 105 2.07 -22.03 13.56
N ILE A 106 0.89 -22.09 14.16
CA ILE A 106 -0.35 -22.25 13.41
C ILE A 106 -1.36 -21.13 13.64
N ASP A 107 -1.65 -20.38 12.58
CA ASP A 107 -2.60 -19.29 12.67
C ASP A 107 -2.24 -18.31 13.79
N ASP A 108 -0.95 -18.02 13.89
CA ASP A 108 -0.43 -17.08 14.88
C ASP A 108 -0.48 -17.55 16.32
N VAL A 109 -0.32 -18.85 16.54
CA VAL A 109 -0.30 -19.42 17.89
C VAL A 109 0.81 -20.47 17.94
N LEU A 110 1.65 -20.41 18.97
CA LEU A 110 2.74 -21.37 19.09
C LEU A 110 2.23 -22.59 19.85
N TYR A 111 2.41 -23.76 19.26
CA TYR A 111 1.99 -25.02 19.87
C TYR A 111 3.22 -25.90 20.08
N SER A 112 3.17 -26.73 21.12
CA SER A 112 4.25 -27.66 21.42
C SER A 112 3.60 -28.99 21.77
N GLU A 113 4.16 -30.09 21.28
CA GLU A 113 3.60 -31.40 21.54
C GLU A 113 3.65 -31.76 23.02
N LYS A 114 4.80 -31.52 23.64
CA LYS A 114 4.98 -31.83 25.05
C LYS A 114 5.42 -30.60 25.83
N ASP A 115 4.95 -30.47 27.08
CA ASP A 115 5.31 -29.32 27.91
C ASP A 115 6.60 -29.61 28.67
N ASN A 116 7.72 -29.52 27.97
CA ASN A 116 9.02 -29.77 28.58
C ASN A 116 9.80 -28.48 28.85
N GLU A 117 11.03 -28.64 29.32
CA GLU A 117 11.90 -27.51 29.64
C GLU A 117 12.39 -26.76 28.42
N GLU A 118 12.50 -27.47 27.30
CA GLU A 118 12.93 -26.86 26.05
C GLU A 118 11.98 -25.73 25.67
N ILE A 119 10.70 -26.05 25.55
CA ILE A 119 9.69 -25.07 25.19
C ILE A 119 9.59 -23.92 26.18
N LYS A 120 9.62 -24.24 27.48
CA LYS A 120 9.52 -23.23 28.50
C LYS A 120 10.59 -22.14 28.33
N SER A 121 11.84 -22.58 28.18
CA SER A 121 12.96 -21.66 28.01
C SER A 121 12.95 -20.91 26.69
N TYR A 122 12.38 -21.51 25.65
CA TYR A 122 12.34 -20.82 24.35
C TYR A 122 11.31 -19.71 24.36
N ALA A 123 10.13 -19.99 24.90
CA ALA A 123 9.05 -19.00 24.97
C ALA A 123 9.45 -17.86 25.89
N ARG A 124 10.29 -18.18 26.87
CA ARG A 124 10.77 -17.21 27.84
C ARG A 124 11.71 -16.24 27.15
N HIS A 125 12.75 -16.79 26.53
CA HIS A 125 13.76 -15.98 25.84
C HIS A 125 13.22 -15.23 24.62
N SER A 126 12.32 -15.83 23.85
CA SER A 126 11.78 -15.13 22.68
C SER A 126 10.37 -14.62 23.02
N ASN A 127 10.14 -14.44 24.32
CA ASN A 127 8.85 -14.00 24.91
C ASN A 127 7.58 -14.00 24.08
N VAL A 128 6.91 -15.15 24.13
CA VAL A 128 5.66 -15.44 23.43
C VAL A 128 4.94 -16.50 24.29
N ASP A 129 3.61 -16.58 24.17
CA ASP A 129 2.84 -17.59 24.91
C ASP A 129 2.76 -18.84 24.03
N TYR A 130 2.73 -20.01 24.65
CA TYR A 130 2.62 -21.25 23.89
C TYR A 130 1.54 -22.15 24.49
N ARG A 131 1.09 -23.11 23.71
CA ARG A 131 0.07 -24.03 24.16
C ARG A 131 0.49 -25.47 23.88
N VAL A 132 0.23 -26.35 24.84
CA VAL A 132 0.58 -27.76 24.69
C VAL A 132 -0.54 -28.51 23.98
N GLU A 133 -0.19 -29.16 22.87
CA GLU A 133 -1.14 -29.91 22.09
C GLU A 133 -0.52 -31.25 21.68
N PRO A 134 -0.81 -32.32 22.45
CA PRO A 134 -0.27 -33.65 22.16
C PRO A 134 -0.63 -34.15 20.76
N ASN A 135 -1.76 -33.68 20.24
CA ASN A 135 -2.23 -34.08 18.93
C ASN A 135 -1.85 -33.04 17.87
N LEU A 136 -0.72 -32.38 18.07
CA LEU A 136 -0.24 -31.37 17.16
C LEU A 136 -0.07 -31.89 15.73
N SER A 137 0.32 -33.16 15.61
CA SER A 137 0.50 -33.75 14.28
C SER A 137 -0.77 -33.62 13.44
N GLU A 138 -1.94 -33.80 14.06
CA GLU A 138 -3.18 -33.67 13.31
C GLU A 138 -3.50 -32.21 13.00
N LEU A 139 -3.25 -31.35 13.98
CA LEU A 139 -3.49 -29.93 13.84
C LEU A 139 -2.75 -29.40 12.60
N VAL A 140 -1.45 -29.67 12.55
CA VAL A 140 -0.61 -29.22 11.44
C VAL A 140 -0.97 -29.91 10.12
N SER A 141 -0.95 -31.24 10.14
CA SER A 141 -1.25 -32.02 8.95
C SER A 141 -2.55 -31.63 8.25
N LYS A 142 -3.44 -30.95 8.98
CA LYS A 142 -4.71 -30.54 8.40
C LYS A 142 -4.97 -29.04 8.39
N MET A 143 -4.10 -28.26 9.02
CA MET A 143 -4.32 -26.82 9.06
C MET A 143 -3.19 -26.02 8.45
N GLY A 144 -2.05 -26.66 8.25
CA GLY A 144 -0.90 -25.96 7.69
C GLY A 144 -0.20 -25.21 8.80
N THR A 145 1.05 -24.82 8.57
CA THR A 145 1.80 -24.10 9.57
C THR A 145 2.69 -23.05 8.92
N THR A 146 2.92 -21.95 9.63
CA THR A 146 3.77 -20.88 9.12
C THR A 146 5.19 -21.39 9.22
N LYS A 147 5.49 -22.11 10.29
CA LYS A 147 6.82 -22.69 10.44
C LYS A 147 6.93 -23.70 11.58
N LEU A 148 7.98 -24.51 11.49
CA LEU A 148 8.23 -25.55 12.49
C LEU A 148 9.56 -25.20 13.11
N LEU A 149 9.72 -25.58 14.37
CA LEU A 149 10.95 -25.31 15.06
C LEU A 149 11.31 -26.50 15.94
N LEU A 150 12.56 -26.92 15.86
CA LEU A 150 13.04 -28.03 16.67
C LEU A 150 14.01 -27.48 17.70
N ILE A 151 13.94 -28.02 18.91
CA ILE A 151 14.81 -27.58 19.99
C ILE A 151 15.58 -28.76 20.57
N ASP A 152 16.91 -28.69 20.50
CA ASP A 152 17.76 -29.76 21.02
C ASP A 152 19.15 -29.19 21.31
N THR A 153 20.03 -30.04 21.83
CA THR A 153 21.39 -29.63 22.14
C THR A 153 22.03 -29.19 20.83
N PRO A 154 22.97 -28.24 20.88
CA PRO A 154 23.62 -27.78 19.65
C PRO A 154 24.19 -28.96 18.88
N GLU A 155 24.50 -30.02 19.62
CA GLU A 155 25.06 -31.24 19.06
C GLU A 155 24.08 -31.96 18.14
N ARG A 156 23.04 -32.54 18.73
CA ARG A 156 22.04 -33.28 17.99
C ARG A 156 21.29 -32.41 16.99
N LEU A 157 21.18 -31.11 17.29
CA LEU A 157 20.48 -30.19 16.39
C LEU A 157 21.28 -30.00 15.11
N ASP A 158 22.61 -30.02 15.21
CA ASP A 158 23.46 -29.86 14.05
C ASP A 158 23.29 -31.07 13.13
N GLU A 159 22.98 -32.21 13.73
CA GLU A 159 22.78 -33.44 12.98
C GLU A 159 21.39 -33.42 12.34
N LEU A 160 20.38 -33.03 13.13
CA LEU A 160 19.02 -32.95 12.61
C LEU A 160 18.97 -31.99 11.44
N LYS A 161 19.66 -30.87 11.57
CA LYS A 161 19.72 -29.87 10.52
C LYS A 161 20.20 -30.53 9.23
N GLU A 162 21.30 -31.27 9.34
CA GLU A 162 21.91 -31.97 8.22
C GLU A 162 20.94 -32.86 7.44
N ILE A 163 20.26 -33.77 8.13
CA ILE A 163 19.35 -34.68 7.46
C ILE A 163 18.06 -34.04 6.95
N LEU A 164 17.54 -33.05 7.67
CA LEU A 164 16.31 -32.39 7.23
C LEU A 164 16.56 -31.50 6.03
N SER A 165 17.75 -30.91 5.96
CA SER A 165 18.09 -30.06 4.83
C SER A 165 18.25 -30.91 3.57
N GLU A 166 19.05 -31.97 3.68
CA GLU A 166 19.28 -32.88 2.55
C GLU A 166 17.97 -33.43 2.00
N ARG A 167 17.07 -33.77 2.93
CA ARG A 167 15.78 -34.35 2.57
C ARG A 167 14.71 -33.37 2.10
N PHE A 168 14.69 -32.18 2.67
CA PHE A 168 13.65 -31.21 2.30
C PHE A 168 14.11 -29.86 1.73
N LYS A 169 15.40 -29.71 1.50
CA LYS A 169 15.96 -28.49 0.94
C LYS A 169 15.18 -27.97 -0.27
N ASP A 170 14.64 -28.91 -1.05
CA ASP A 170 13.89 -28.60 -2.28
C ASP A 170 12.53 -27.93 -2.13
N VAL A 171 11.84 -28.17 -1.03
CA VAL A 171 10.51 -27.60 -0.86
C VAL A 171 10.33 -26.77 0.40
N VAL A 172 11.41 -26.56 1.14
CA VAL A 172 11.31 -25.79 2.37
C VAL A 172 12.70 -25.27 2.76
N LYS A 173 12.73 -24.23 3.59
CA LYS A 173 13.98 -23.64 4.05
C LYS A 173 14.28 -24.14 5.46
N VAL A 174 15.48 -24.66 5.67
CA VAL A 174 15.85 -25.17 6.99
C VAL A 174 17.14 -24.52 7.47
N PHE A 175 17.10 -23.90 8.66
CA PHE A 175 18.30 -23.25 9.18
C PHE A 175 18.28 -23.09 10.70
N LYS A 176 19.48 -22.95 11.27
CA LYS A 176 19.63 -22.77 12.70
C LYS A 176 19.46 -21.29 12.97
N SER A 177 18.59 -20.94 13.91
CA SER A 177 18.38 -19.53 14.24
C SER A 177 19.38 -19.21 15.35
N PHE A 178 19.66 -20.23 16.15
CA PHE A 178 20.60 -20.15 17.26
C PHE A 178 21.07 -21.57 17.59
N PRO A 179 22.15 -21.69 18.37
CA PRO A 179 22.72 -22.99 18.76
C PRO A 179 21.71 -24.08 19.12
N THR A 180 20.61 -23.69 19.75
CA THR A 180 19.62 -24.69 20.14
C THR A 180 18.27 -24.57 19.42
N TYR A 181 18.20 -23.76 18.39
CA TYR A 181 16.94 -23.60 17.65
C TYR A 181 17.10 -23.85 16.15
N LEU A 182 16.32 -24.81 15.64
CA LEU A 182 16.35 -25.17 14.21
C LEU A 182 14.98 -24.78 13.66
N GLU A 183 14.98 -24.00 12.59
CA GLU A 183 13.73 -23.55 11.99
C GLU A 183 13.49 -24.07 10.59
N ILE A 184 12.22 -24.35 10.28
CA ILE A 184 11.81 -24.80 8.97
C ILE A 184 10.74 -23.81 8.54
N VAL A 185 10.98 -23.09 7.44
CA VAL A 185 10.03 -22.10 6.97
C VAL A 185 9.73 -22.17 5.47
N PRO A 186 8.65 -21.49 5.02
CA PRO A 186 8.30 -21.51 3.60
C PRO A 186 9.52 -21.15 2.77
N LYS A 187 9.67 -21.87 1.65
CA LYS A 187 10.78 -21.68 0.76
C LYS A 187 11.22 -20.24 0.55
N ASN A 188 10.90 -19.67 -0.62
CA ASN A 188 11.33 -18.31 -0.93
C ASN A 188 10.47 -17.14 -0.46
N VAL A 189 10.51 -16.89 0.85
CA VAL A 189 9.80 -15.79 1.47
C VAL A 189 10.84 -15.00 2.26
N ASP A 190 10.75 -13.68 2.20
CA ASP A 190 11.66 -12.82 2.93
C ASP A 190 11.05 -11.43 3.04
N LYS A 191 11.64 -10.59 3.87
CA LYS A 191 11.10 -9.24 4.08
C LYS A 191 11.04 -8.39 2.82
N GLY A 192 11.97 -8.61 1.90
CA GLY A 192 12.00 -7.86 0.66
C GLY A 192 10.82 -8.19 -0.24
N LYS A 193 10.53 -9.49 -0.42
CA LYS A 193 9.41 -9.88 -1.26
C LYS A 193 8.12 -9.37 -0.63
N ALA A 194 8.05 -9.42 0.68
CA ALA A 194 6.86 -8.94 1.37
C ALA A 194 6.69 -7.43 1.16
N LEU A 195 7.79 -6.66 1.24
CA LEU A 195 7.71 -5.22 1.05
C LEU A 195 7.36 -4.87 -0.39
N ARG A 196 7.91 -5.61 -1.34
CA ARG A 196 7.61 -5.37 -2.75
C ARG A 196 6.13 -5.61 -3.01
N PHE A 197 5.59 -6.65 -2.38
CA PHE A 197 4.18 -7.01 -2.52
C PHE A 197 3.30 -5.89 -1.96
N LEU A 198 3.69 -5.40 -0.78
CA LEU A 198 2.96 -4.34 -0.12
C LEU A 198 2.96 -3.09 -1.01
N ARG A 199 4.11 -2.83 -1.63
CA ARG A 199 4.29 -1.70 -2.51
C ARG A 199 3.32 -1.75 -3.70
N GLU A 200 3.21 -2.91 -4.33
CA GLU A 200 2.30 -3.10 -5.46
C GLU A 200 0.86 -2.86 -5.02
N ARG A 201 0.53 -3.40 -3.85
CA ARG A 201 -0.81 -3.27 -3.28
C ARG A 201 -1.18 -1.81 -2.99
N MET A 202 -0.30 -1.12 -2.26
CA MET A 202 -0.52 0.26 -1.85
C MET A 202 -0.16 1.30 -2.91
N ASN A 203 0.53 0.85 -3.95
CA ASN A 203 0.95 1.71 -5.04
C ASN A 203 2.08 2.67 -4.63
N TRP A 204 2.98 2.19 -3.78
CA TRP A 204 4.13 2.99 -3.33
C TRP A 204 5.08 2.99 -4.51
N LYS A 205 5.99 3.96 -4.54
CA LYS A 205 7.02 3.96 -5.56
C LYS A 205 8.29 3.89 -4.73
N LYS A 206 9.32 3.23 -5.23
CA LYS A 206 10.57 3.10 -4.49
C LYS A 206 11.18 4.40 -3.98
N GLU A 207 11.14 5.45 -4.81
CA GLU A 207 11.73 6.75 -4.48
C GLU A 207 11.24 7.44 -3.21
N GLU A 208 10.04 7.10 -2.77
CA GLU A 208 9.47 7.70 -1.57
C GLU A 208 9.54 6.81 -0.34
N ILE A 209 10.32 5.74 -0.41
CA ILE A 209 10.44 4.80 0.69
C ILE A 209 11.80 4.77 1.37
N VAL A 210 11.79 4.77 2.71
CA VAL A 210 13.03 4.69 3.49
C VAL A 210 12.91 3.44 4.36
N VAL A 211 14.01 2.69 4.51
CA VAL A 211 14.00 1.50 5.36
C VAL A 211 15.16 1.58 6.35
N PHE A 212 14.88 1.23 7.61
CA PHE A 212 15.90 1.19 8.66
C PHE A 212 16.07 -0.28 9.01
N GLY A 213 17.31 -0.75 9.04
CA GLY A 213 17.56 -2.13 9.38
C GLY A 213 18.94 -2.35 10.00
N ASP A 214 19.21 -3.60 10.36
CA ASP A 214 20.46 -3.98 10.96
C ASP A 214 20.84 -5.41 10.55
N ASN A 215 19.86 -6.11 9.97
CA ASN A 215 19.94 -7.51 9.56
C ASN A 215 20.24 -7.98 8.16
N GLU A 216 20.53 -9.28 8.09
CA GLU A 216 20.76 -9.99 6.84
C GLU A 216 19.35 -10.04 6.29
N ASN A 217 18.40 -10.30 7.19
CA ASN A 217 16.98 -10.35 6.86
C ASN A 217 16.46 -9.02 6.28
N ASP A 218 16.98 -7.90 6.77
CA ASP A 218 16.56 -6.56 6.33
C ASP A 218 17.21 -6.17 5.02
N LEU A 219 18.37 -6.73 4.75
CA LEU A 219 19.11 -6.46 3.52
C LEU A 219 18.18 -6.64 2.31
N PHE A 220 17.25 -7.58 2.40
CA PHE A 220 16.30 -7.83 1.32
C PHE A 220 15.40 -6.63 1.08
N MET A 221 15.06 -5.89 2.13
CA MET A 221 14.19 -4.72 2.00
C MET A 221 14.89 -3.54 1.31
N PHE A 222 16.20 -3.47 1.48
CA PHE A 222 17.00 -2.41 0.89
C PHE A 222 16.80 -2.27 -0.62
N GLU A 223 16.67 -3.40 -1.29
CA GLU A 223 16.50 -3.43 -2.74
C GLU A 223 15.18 -2.80 -3.16
N GLU A 224 14.25 -2.71 -2.22
CA GLU A 224 12.93 -2.13 -2.48
C GLU A 224 12.75 -0.70 -1.96
N ALA A 225 13.82 -0.03 -1.56
CA ALA A 225 13.70 1.32 -1.03
C ALA A 225 14.55 2.37 -1.71
N GLY A 226 14.11 3.62 -1.64
CA GLY A 226 14.86 4.72 -2.25
C GLY A 226 15.98 5.21 -1.34
N LEU A 227 15.81 5.07 -0.02
CA LEU A 227 16.85 5.51 0.93
C LEU A 227 17.13 4.36 1.91
N ARG A 228 18.41 4.06 2.13
CA ARG A 228 18.79 2.95 3.03
C ARG A 228 19.61 3.36 4.26
N VAL A 229 19.06 3.10 5.44
CA VAL A 229 19.73 3.45 6.69
C VAL A 229 20.08 2.21 7.51
N ALA A 230 21.37 2.06 7.80
CA ALA A 230 21.86 0.95 8.60
C ALA A 230 22.09 1.44 10.03
N MET A 231 21.75 0.61 11.00
CA MET A 231 21.96 0.98 12.40
C MET A 231 23.46 0.85 12.62
N GLU A 232 24.00 1.59 13.59
CA GLU A 232 25.44 1.48 13.86
C GLU A 232 25.81 0.07 14.32
N ASN A 233 24.85 -0.64 14.92
CA ASN A 233 25.10 -1.99 15.39
C ASN A 233 24.88 -3.03 14.28
N ALA A 234 24.58 -2.59 13.06
CA ALA A 234 24.34 -3.51 11.95
C ALA A 234 25.59 -4.29 11.58
N ILE A 235 25.41 -5.47 10.97
CA ILE A 235 26.58 -6.23 10.55
C ILE A 235 27.22 -5.44 9.41
N GLU A 236 28.51 -5.69 9.20
CA GLU A 236 29.29 -5.01 8.18
C GLU A 236 28.62 -4.99 6.81
N LYS A 237 28.10 -6.13 6.38
CA LYS A 237 27.45 -6.24 5.09
C LYS A 237 26.29 -5.25 4.90
N VAL A 238 25.50 -5.06 5.95
CA VAL A 238 24.36 -4.14 5.89
C VAL A 238 24.79 -2.69 5.78
N LYS A 239 25.83 -2.31 6.52
CA LYS A 239 26.30 -0.94 6.47
C LYS A 239 26.84 -0.59 5.09
N GLU A 240 27.53 -1.53 4.47
CA GLU A 240 28.11 -1.32 3.15
C GLU A 240 27.06 -1.22 2.05
N ALA A 241 25.85 -1.68 2.33
CA ALA A 241 24.78 -1.61 1.34
C ALA A 241 23.85 -0.43 1.63
N SER A 242 24.05 0.21 2.77
CA SER A 242 23.20 1.34 3.15
C SER A 242 23.69 2.63 2.52
N ASP A 243 22.91 3.70 2.72
CA ASP A 243 23.29 5.01 2.24
C ASP A 243 23.87 5.79 3.41
N ILE A 244 23.25 5.61 4.57
CA ILE A 244 23.66 6.30 5.79
C ILE A 244 23.69 5.32 6.96
N VAL A 245 24.66 5.47 7.85
CA VAL A 245 24.73 4.63 9.04
C VAL A 245 24.52 5.56 10.22
N THR A 246 23.36 5.43 10.84
CA THR A 246 22.97 6.26 11.95
C THR A 246 23.55 5.72 13.25
N LEU A 247 22.98 6.17 14.37
CA LEU A 247 23.44 5.72 15.68
C LEU A 247 22.94 4.31 15.96
N THR A 248 23.24 3.86 17.16
CA THR A 248 22.86 2.54 17.62
C THR A 248 21.37 2.48 18.00
N ASN A 249 20.82 1.27 18.11
CA ASN A 249 19.42 1.12 18.47
C ASN A 249 19.19 1.38 19.95
N ASN A 250 20.28 1.39 20.73
CA ASN A 250 20.22 1.64 22.17
C ASN A 250 20.11 3.13 22.43
N ASP A 251 20.50 3.91 21.44
CA ASP A 251 20.38 5.35 21.54
C ASP A 251 19.04 5.49 20.84
N SER A 252 18.95 6.46 19.96
CA SER A 252 17.72 6.65 19.21
C SER A 252 18.26 6.89 17.81
N GLY A 253 18.99 5.87 17.34
CA GLY A 253 19.59 5.93 16.02
C GLY A 253 18.58 6.28 14.96
N VAL A 254 17.36 5.77 15.11
CA VAL A 254 16.29 6.04 14.16
C VAL A 254 15.97 7.54 14.09
N SER A 255 15.71 8.13 15.26
CA SER A 255 15.39 9.56 15.34
C SER A 255 16.50 10.43 14.76
N TYR A 256 17.74 10.07 15.08
CA TYR A 256 18.89 10.84 14.62
C TYR A 256 18.90 11.12 13.12
N VAL A 257 18.47 10.16 12.32
CA VAL A 257 18.43 10.33 10.88
C VAL A 257 17.02 10.72 10.43
N LEU A 258 16.03 10.15 11.09
CA LEU A 258 14.64 10.42 10.77
C LEU A 258 14.31 11.91 10.80
N GLU A 259 14.87 12.62 11.76
CA GLU A 259 14.61 14.05 11.88
C GLU A 259 15.22 14.90 10.76
N ARG A 260 16.20 14.35 10.05
CA ARG A 260 16.86 15.11 8.98
C ARG A 260 16.39 14.78 7.55
N ILE A 261 15.63 13.70 7.39
CA ILE A 261 15.18 13.29 6.06
C ILE A 261 14.08 14.17 5.46
N SER A 262 14.20 14.47 4.16
CA SER A 262 13.21 15.28 3.45
C SER A 262 11.90 14.52 3.40
N THR A 263 10.91 15.03 4.09
CA THR A 263 9.65 14.35 4.15
C THR A 263 8.42 15.22 4.03
N ASP A 264 7.37 14.64 3.45
CA ASP A 264 6.10 15.33 3.33
C ASP A 264 5.60 15.31 4.77
N CYS A 265 4.28 15.25 4.96
CA CYS A 265 3.70 15.25 6.30
C CYS A 265 4.40 16.29 7.18
N LEU A 266 3.88 16.53 8.37
CA LEU A 266 4.45 17.58 9.22
C LEU A 266 4.53 18.91 8.45
N ASP A 267 3.99 18.91 7.23
CA ASP A 267 3.99 20.08 6.36
C ASP A 267 5.41 20.41 5.93
N MET B 1 28.48 2.20 -1.78
CA MET B 1 29.04 3.24 -0.93
C MET B 1 29.43 4.47 -1.75
N TYR B 2 29.60 5.61 -1.08
CA TYR B 2 29.93 6.86 -1.75
C TYR B 2 31.41 7.15 -1.78
N ARG B 3 31.88 7.68 -2.91
CA ARG B 3 33.30 7.99 -3.08
C ARG B 3 33.57 9.34 -3.71
N VAL B 4 32.51 10.02 -4.15
CA VAL B 4 32.64 11.34 -4.78
C VAL B 4 31.76 12.29 -3.99
N PHE B 5 32.38 13.32 -3.43
CA PHE B 5 31.66 14.30 -2.61
C PHE B 5 31.71 15.68 -3.27
N VAL B 6 30.54 16.20 -3.65
CA VAL B 6 30.48 17.48 -4.33
C VAL B 6 29.91 18.58 -3.43
N PHE B 7 30.65 19.67 -3.30
CA PHE B 7 30.23 20.77 -2.42
C PHE B 7 30.07 22.14 -3.10
N ASP B 8 28.93 22.79 -2.84
CA ASP B 8 28.75 24.15 -3.34
C ASP B 8 29.48 24.97 -2.27
N LEU B 9 29.98 26.15 -2.62
CA LEU B 9 30.69 26.97 -1.66
C LEU B 9 29.77 27.85 -0.83
N ASP B 10 29.34 28.97 -1.40
CA ASP B 10 28.44 29.88 -0.70
C ASP B 10 27.23 29.18 -0.08
N GLY B 11 26.90 29.57 1.15
CA GLY B 11 25.75 28.98 1.83
C GLY B 11 25.77 27.48 2.06
N THR B 12 26.88 26.83 1.77
CA THR B 12 26.99 25.40 1.92
C THR B 12 28.21 25.01 2.77
N LEU B 13 29.39 25.14 2.18
CA LEU B 13 30.63 24.83 2.89
C LEU B 13 31.12 26.06 3.66
N LEU B 14 30.84 27.23 3.10
CA LEU B 14 31.26 28.49 3.71
C LEU B 14 30.17 28.99 4.64
N ASN B 15 30.55 29.46 5.83
CA ASN B 15 29.58 30.00 6.77
C ASN B 15 29.28 31.44 6.33
N ASP B 16 28.38 32.13 7.01
CA ASP B 16 28.04 33.50 6.62
C ASP B 16 29.15 34.53 6.85
N ASN B 17 30.32 34.04 7.27
CA ASN B 17 31.47 34.91 7.47
C ASN B 17 32.43 34.54 6.35
N LEU B 18 31.88 33.82 5.37
CA LEU B 18 32.61 33.34 4.21
C LEU B 18 33.86 32.52 4.51
N GLU B 19 33.76 31.68 5.53
CA GLU B 19 34.89 30.80 5.87
C GLU B 19 34.43 29.38 6.20
N ILE B 20 35.37 28.45 6.23
CA ILE B 20 35.11 27.03 6.50
C ILE B 20 35.52 26.63 7.91
N SER B 21 34.58 26.03 8.65
CA SER B 21 34.86 25.58 10.01
C SER B 21 36.00 24.57 10.03
N GLU B 22 36.66 24.45 11.18
CA GLU B 22 37.77 23.51 11.32
C GLU B 22 37.28 22.09 11.14
N LYS B 23 36.05 21.85 11.58
CA LYS B 23 35.41 20.54 11.49
C LYS B 23 35.27 20.14 10.02
N ASP B 24 34.53 20.92 9.26
CA ASP B 24 34.35 20.63 7.85
C ASP B 24 35.69 20.51 7.14
N ARG B 25 36.63 21.37 7.48
CA ARG B 25 37.95 21.34 6.87
C ARG B 25 38.67 20.02 7.10
N ARG B 26 38.62 19.54 8.35
CA ARG B 26 39.26 18.30 8.72
C ARG B 26 38.64 17.09 8.00
N ASN B 27 37.32 17.06 7.96
CA ASN B 27 36.62 15.96 7.30
C ASN B 27 36.86 15.89 5.81
N ILE B 28 36.91 17.05 5.15
CA ILE B 28 37.15 17.06 3.71
C ILE B 28 38.59 16.65 3.46
N GLU B 29 39.48 17.07 4.36
CA GLU B 29 40.90 16.72 4.25
C GLU B 29 41.05 15.20 4.26
N LYS B 30 40.34 14.55 5.16
CA LYS B 30 40.39 13.11 5.26
C LYS B 30 39.90 12.42 3.99
N LEU B 31 38.71 12.79 3.52
CA LEU B 31 38.14 12.20 2.32
C LEU B 31 39.02 12.33 1.08
N SER B 32 39.77 13.41 1.01
CA SER B 32 40.63 13.67 -0.16
C SER B 32 41.80 12.70 -0.23
N ARG B 33 42.05 11.99 0.85
CA ARG B 33 43.16 11.05 0.88
C ARG B 33 43.10 10.00 -0.23
N LYS B 34 42.01 9.24 -0.30
CA LYS B 34 41.86 8.21 -1.32
C LYS B 34 40.62 8.40 -2.18
N CYS B 35 39.78 9.37 -1.84
CA CYS B 35 38.57 9.61 -2.60
C CYS B 35 38.54 10.95 -3.31
N TYR B 36 37.43 11.22 -4.00
CA TYR B 36 37.29 12.46 -4.76
C TYR B 36 36.40 13.54 -4.12
N VAL B 37 36.94 14.75 -4.09
CA VAL B 37 36.25 15.92 -3.55
C VAL B 37 36.12 16.90 -4.71
N VAL B 38 34.94 17.47 -4.87
CA VAL B 38 34.68 18.42 -5.95
C VAL B 38 34.00 19.68 -5.41
N PHE B 39 34.49 20.84 -5.83
CA PHE B 39 33.88 22.10 -5.43
C PHE B 39 33.16 22.67 -6.65
N ALA B 40 31.94 23.17 -6.44
CA ALA B 40 31.13 23.75 -7.51
C ALA B 40 30.59 25.10 -7.05
N SER B 41 30.83 26.14 -7.84
CA SER B 41 30.39 27.48 -7.45
C SER B 41 29.94 28.34 -8.61
N GLY B 42 29.26 29.44 -8.29
CA GLY B 42 28.81 30.37 -9.30
C GLY B 42 29.89 31.44 -9.49
N ARG B 43 30.84 31.46 -8.57
CA ARG B 43 31.93 32.44 -8.60
C ARG B 43 32.87 32.24 -9.78
N MET B 44 33.83 33.15 -9.92
CA MET B 44 34.84 33.09 -10.97
C MET B 44 35.77 31.94 -10.57
N LEU B 45 36.53 31.42 -11.53
CA LEU B 45 37.43 30.30 -11.25
C LEU B 45 38.50 30.65 -10.19
N VAL B 46 39.21 31.75 -10.42
CA VAL B 46 40.26 32.17 -9.49
C VAL B 46 39.76 32.28 -8.04
N SER B 47 38.59 32.87 -7.87
CA SER B 47 38.00 33.05 -6.55
C SER B 47 37.73 31.72 -5.88
N THR B 48 37.27 30.75 -6.66
CA THR B 48 36.97 29.44 -6.12
C THR B 48 38.26 28.68 -5.77
N LEU B 49 39.26 28.76 -6.66
CA LEU B 49 40.51 28.08 -6.39
C LEU B 49 41.27 28.71 -5.22
N ASN B 50 41.06 30.00 -4.98
CA ASN B 50 41.73 30.65 -3.86
C ASN B 50 41.21 30.11 -2.53
N VAL B 51 39.90 29.87 -2.44
CA VAL B 51 39.35 29.33 -1.20
C VAL B 51 39.92 27.93 -0.99
N GLU B 52 40.08 27.18 -2.08
CA GLU B 52 40.63 25.83 -2.02
C GLU B 52 42.08 25.89 -1.55
N LYS B 53 42.85 26.83 -2.10
CA LYS B 53 44.24 26.96 -1.71
C LYS B 53 44.39 27.49 -0.28
N LYS B 54 43.44 28.34 0.14
CA LYS B 54 43.48 28.92 1.47
C LYS B 54 43.34 27.88 2.59
N TYR B 55 42.30 27.05 2.51
CA TYR B 55 42.03 26.06 3.54
C TYR B 55 42.76 24.74 3.35
N PHE B 56 43.04 24.41 2.10
CA PHE B 56 43.77 23.21 1.76
C PHE B 56 44.84 23.83 0.87
N LYS B 57 46.07 23.37 0.96
CA LYS B 57 47.09 24.00 0.11
C LYS B 57 47.21 23.32 -1.23
N ARG B 58 46.06 23.10 -1.87
CA ARG B 58 46.01 22.46 -3.17
C ARG B 58 44.68 22.82 -3.83
N THR B 59 44.49 22.36 -5.05
CA THR B 59 43.24 22.58 -5.78
C THR B 59 42.62 21.21 -6.00
N PHE B 60 41.34 21.18 -6.32
CA PHE B 60 40.62 19.94 -6.55
C PHE B 60 39.79 20.09 -7.83
N PRO B 61 39.09 19.02 -8.24
CA PRO B 61 38.27 19.12 -9.45
C PRO B 61 37.29 20.26 -9.15
N THR B 62 37.19 21.24 -10.04
CA THR B 62 36.33 22.37 -9.79
C THR B 62 35.39 22.78 -10.93
N ILE B 63 34.18 23.15 -10.53
CA ILE B 63 33.15 23.63 -11.44
C ILE B 63 32.91 25.08 -11.02
N ALA B 64 33.15 26.02 -11.94
CA ALA B 64 32.97 27.44 -11.64
C ALA B 64 32.00 28.10 -12.63
N TYR B 65 31.61 29.35 -12.35
CA TYR B 65 30.68 30.08 -13.23
C TYR B 65 29.38 29.33 -13.46
N ASN B 66 28.90 28.66 -12.42
CA ASN B 66 27.64 27.95 -12.50
C ASN B 66 27.58 26.87 -13.60
N GLY B 67 28.71 26.21 -13.85
CA GLY B 67 28.74 25.15 -14.84
C GLY B 67 29.45 25.43 -16.15
N ALA B 68 29.83 26.69 -16.39
CA ALA B 68 30.52 27.06 -17.62
C ALA B 68 31.95 26.57 -17.65
N ILE B 69 32.59 26.50 -16.49
CA ILE B 69 33.97 26.03 -16.42
C ILE B 69 34.09 24.78 -15.56
N VAL B 70 34.90 23.83 -16.04
CA VAL B 70 35.21 22.61 -15.32
C VAL B 70 36.73 22.57 -15.33
N TYR B 71 37.31 22.44 -14.14
CA TYR B 71 38.76 22.40 -14.00
C TYR B 71 39.29 21.20 -13.23
N LEU B 72 40.44 20.70 -13.66
CA LEU B 72 41.11 19.58 -13.00
C LEU B 72 42.48 20.11 -12.58
N PRO B 73 42.98 19.65 -11.42
CA PRO B 73 44.28 20.10 -10.93
C PRO B 73 45.40 19.90 -11.94
N GLU B 74 45.39 18.75 -12.59
CA GLU B 74 46.42 18.39 -13.55
C GLU B 74 46.22 18.92 -14.97
N GLU B 75 45.09 18.58 -15.59
CA GLU B 75 44.79 19.02 -16.95
C GLU B 75 44.48 20.50 -17.08
N GLY B 76 44.03 21.12 -15.99
CA GLY B 76 43.66 22.52 -16.06
C GLY B 76 42.21 22.55 -16.50
N VAL B 77 41.82 23.53 -17.32
CA VAL B 77 40.44 23.65 -17.80
C VAL B 77 40.10 22.67 -18.94
N ILE B 78 39.08 21.82 -18.73
CA ILE B 78 38.69 20.85 -19.74
C ILE B 78 37.33 21.15 -20.38
N LEU B 79 36.57 22.05 -19.76
CA LEU B 79 35.28 22.49 -20.28
C LEU B 79 35.27 24.00 -20.11
N ASN B 80 35.12 24.73 -21.22
CA ASN B 80 35.15 26.18 -21.19
C ASN B 80 34.01 26.74 -22.04
N GLU B 81 32.82 26.76 -21.47
CA GLU B 81 31.62 27.26 -22.15
C GLU B 81 31.55 28.78 -22.11
N LYS B 82 31.28 29.39 -23.26
CA LYS B 82 31.16 30.85 -23.31
C LYS B 82 30.29 31.34 -24.46
N ILE B 83 29.87 32.60 -24.38
CA ILE B 83 29.07 33.20 -25.44
C ILE B 83 30.07 33.42 -26.56
N PRO B 84 29.80 32.84 -27.74
CA PRO B 84 30.73 33.01 -28.85
C PRO B 84 30.87 34.46 -29.34
N PRO B 85 32.02 34.80 -29.94
CA PRO B 85 32.34 36.13 -30.47
C PRO B 85 31.20 36.82 -31.23
N GLU B 86 30.62 36.11 -32.20
CA GLU B 86 29.53 36.68 -33.01
C GLU B 86 28.30 37.04 -32.19
N VAL B 87 27.88 36.13 -31.32
CA VAL B 87 26.72 36.38 -30.49
C VAL B 87 27.00 37.53 -29.52
N ALA B 88 28.16 37.50 -28.89
CA ALA B 88 28.56 38.54 -27.94
C ALA B 88 28.59 39.90 -28.61
N LYS B 89 29.09 39.93 -29.84
CA LYS B 89 29.16 41.18 -30.59
C LYS B 89 27.74 41.69 -30.81
N ASP B 90 26.83 40.81 -31.22
CA ASP B 90 25.45 41.20 -31.45
C ASP B 90 24.80 41.81 -30.21
N ILE B 91 25.07 41.19 -29.06
CA ILE B 91 24.51 41.64 -27.79
C ILE B 91 25.03 43.00 -27.34
N ILE B 92 26.33 43.21 -27.44
CA ILE B 92 26.92 44.49 -27.04
C ILE B 92 26.41 45.62 -27.93
N GLU B 93 26.37 45.39 -29.24
CA GLU B 93 25.89 46.41 -30.18
C GLU B 93 24.42 46.71 -29.96
N TYR B 94 23.65 45.67 -29.66
CA TYR B 94 22.23 45.82 -29.42
C TYR B 94 21.94 46.63 -28.16
N ILE B 95 22.80 46.49 -27.16
CA ILE B 95 22.62 47.17 -25.88
C ILE B 95 23.29 48.55 -25.71
N LYS B 96 24.26 48.88 -26.56
CA LYS B 96 24.96 50.15 -26.44
C LYS B 96 24.09 51.40 -26.54
N PRO B 97 23.11 51.42 -27.46
CA PRO B 97 22.23 52.60 -27.61
C PRO B 97 21.35 52.85 -26.39
N LEU B 98 21.13 51.80 -25.60
CA LEU B 98 20.29 51.88 -24.41
C LEU B 98 20.99 52.37 -23.15
N ASN B 99 22.24 52.80 -23.27
CA ASN B 99 23.01 53.30 -22.14
C ASN B 99 22.86 52.50 -20.84
N VAL B 100 23.32 51.25 -20.86
CA VAL B 100 23.27 50.39 -19.68
C VAL B 100 24.68 49.91 -19.40
N HIS B 101 25.11 49.96 -18.14
CA HIS B 101 26.45 49.50 -17.82
C HIS B 101 26.54 47.99 -17.94
N TRP B 102 27.58 47.51 -18.60
CA TRP B 102 27.78 46.08 -18.73
C TRP B 102 29.24 45.79 -18.45
N GLN B 103 29.51 44.54 -18.04
CA GLN B 103 30.87 44.10 -17.75
C GLN B 103 31.03 42.71 -18.34
N ALA B 104 32.26 42.37 -18.71
CA ALA B 104 32.52 41.07 -19.30
C ALA B 104 33.54 40.25 -18.53
N TYR B 105 33.44 38.94 -18.67
CA TYR B 105 34.36 38.01 -18.04
C TYR B 105 35.07 37.30 -19.18
N ILE B 106 36.35 37.56 -19.34
CA ILE B 106 37.13 36.95 -20.41
C ILE B 106 38.37 36.25 -19.89
N ASP B 107 38.43 34.94 -20.11
CA ASP B 107 39.56 34.15 -19.62
C ASP B 107 39.77 34.39 -18.12
N ASP B 108 38.66 34.39 -17.40
CA ASP B 108 38.61 34.56 -15.95
C ASP B 108 39.13 35.89 -15.42
N VAL B 109 38.90 36.95 -16.17
CA VAL B 109 39.29 38.30 -15.76
C VAL B 109 38.06 39.21 -15.93
N LEU B 110 37.75 39.99 -14.90
CA LEU B 110 36.59 40.89 -14.96
C LEU B 110 36.97 42.20 -15.66
N TYR B 111 36.22 42.56 -16.69
CA TYR B 111 36.47 43.79 -17.47
C TYR B 111 35.28 44.74 -17.46
N SER B 112 35.57 46.03 -17.57
CA SER B 112 34.55 47.07 -17.61
C SER B 112 35.02 48.21 -18.51
N GLU B 113 34.10 48.79 -19.28
CA GLU B 113 34.46 49.90 -20.16
C GLU B 113 34.89 51.13 -19.38
N LYS B 114 34.18 51.43 -18.30
CA LYS B 114 34.50 52.59 -17.49
C LYS B 114 34.65 52.23 -16.01
N ASP B 115 35.50 52.96 -15.31
CA ASP B 115 35.71 52.70 -13.90
C ASP B 115 34.62 53.49 -13.18
N ASN B 116 33.38 53.17 -13.52
CA ASN B 116 32.21 53.83 -12.94
C ASN B 116 31.85 53.30 -11.56
N GLU B 117 30.75 53.80 -11.03
CA GLU B 117 30.26 53.45 -9.70
C GLU B 117 29.69 52.03 -9.67
N GLU B 118 29.13 51.60 -10.80
CA GLU B 118 28.56 50.26 -10.91
C GLU B 118 29.62 49.21 -10.60
N ILE B 119 30.68 49.22 -11.40
CA ILE B 119 31.75 48.24 -11.23
C ILE B 119 32.39 48.30 -9.85
N LYS B 120 32.70 49.51 -9.38
CA LYS B 120 33.32 49.69 -8.06
C LYS B 120 32.50 49.00 -6.98
N SER B 121 31.20 49.24 -7.00
CA SER B 121 30.30 48.64 -6.02
C SER B 121 30.25 47.14 -6.18
N TYR B 122 30.25 46.67 -7.43
CA TYR B 122 30.20 45.24 -7.71
C TYR B 122 31.45 44.52 -7.21
N ALA B 123 32.62 45.04 -7.55
CA ALA B 123 33.87 44.42 -7.13
C ALA B 123 33.93 44.37 -5.61
N ARG B 124 33.21 45.28 -4.98
CA ARG B 124 33.15 45.40 -3.54
C ARG B 124 32.31 44.26 -2.95
N HIS B 125 31.02 44.24 -3.32
CA HIS B 125 30.10 43.23 -2.81
C HIS B 125 30.48 41.78 -3.09
N SER B 126 31.49 41.56 -3.93
CA SER B 126 31.91 40.20 -4.24
C SER B 126 33.43 40.11 -4.28
N ASN B 127 34.08 41.00 -3.54
CA ASN B 127 35.53 41.07 -3.48
C ASN B 127 36.26 40.39 -4.64
N VAL B 128 36.34 41.10 -5.75
CA VAL B 128 37.02 40.62 -6.94
C VAL B 128 37.71 41.83 -7.55
N ASP B 129 38.80 41.57 -8.27
CA ASP B 129 39.53 42.64 -8.93
C ASP B 129 38.89 42.80 -10.29
N TYR B 130 39.10 43.95 -10.91
CA TYR B 130 38.56 44.21 -12.23
C TYR B 130 39.53 45.11 -12.96
N ARG B 131 39.39 45.13 -14.28
CA ARG B 131 40.24 45.95 -15.12
C ARG B 131 39.35 46.84 -15.97
N VAL B 132 39.79 48.08 -16.18
CA VAL B 132 39.04 49.02 -16.99
C VAL B 132 39.63 48.97 -18.40
N GLU B 133 38.76 48.73 -19.37
CA GLU B 133 39.19 48.64 -20.76
C GLU B 133 38.23 49.42 -21.62
N PRO B 134 38.64 50.63 -22.04
CA PRO B 134 37.79 51.49 -22.88
C PRO B 134 37.36 50.82 -24.18
N ASN B 135 38.26 50.03 -24.79
CA ASN B 135 37.92 49.36 -26.03
C ASN B 135 37.51 47.89 -25.75
N LEU B 136 36.77 47.71 -24.65
CA LEU B 136 36.32 46.38 -24.25
C LEU B 136 35.43 45.69 -25.28
N SER B 137 34.46 46.43 -25.81
CA SER B 137 33.54 45.88 -26.80
C SER B 137 34.26 45.21 -27.98
N GLU B 138 35.51 45.59 -28.22
CA GLU B 138 36.28 45.02 -29.31
C GLU B 138 36.90 43.69 -28.87
N LEU B 139 37.34 43.65 -27.62
CA LEU B 139 37.95 42.45 -27.06
C LEU B 139 36.89 41.35 -26.98
N VAL B 140 35.66 41.76 -26.67
CA VAL B 140 34.54 40.83 -26.55
C VAL B 140 34.04 40.35 -27.91
N SER B 141 33.97 41.26 -28.87
CA SER B 141 33.50 40.91 -30.20
C SER B 141 34.46 39.98 -30.92
N LYS B 142 35.71 39.99 -30.47
CA LYS B 142 36.75 39.17 -31.08
C LYS B 142 36.92 37.78 -30.45
N MET B 143 36.59 37.64 -29.17
CA MET B 143 36.77 36.34 -28.55
C MET B 143 35.73 35.83 -27.59
N GLY B 144 34.55 36.42 -27.63
CA GLY B 144 33.50 35.98 -26.74
C GLY B 144 33.78 36.26 -25.28
N THR B 145 32.83 35.88 -24.44
CA THR B 145 32.93 36.10 -23.01
C THR B 145 32.18 34.99 -22.30
N THR B 146 32.67 34.63 -21.11
CA THR B 146 32.03 33.58 -20.33
C THR B 146 30.63 34.06 -19.97
N LYS B 147 30.48 35.37 -19.86
CA LYS B 147 29.20 35.97 -19.58
C LYS B 147 29.26 37.48 -19.52
N LEU B 148 28.08 38.10 -19.58
CA LEU B 148 27.97 39.55 -19.50
C LEU B 148 27.06 39.81 -18.33
N LEU B 149 27.26 40.93 -17.65
CA LEU B 149 26.39 41.25 -16.53
C LEU B 149 26.14 42.75 -16.58
N LEU B 150 24.87 43.12 -16.52
CA LEU B 150 24.46 44.52 -16.56
C LEU B 150 23.92 44.95 -15.20
N ILE B 151 24.22 46.18 -14.83
CA ILE B 151 23.75 46.70 -13.56
C ILE B 151 23.06 48.03 -13.79
N ASP B 152 21.87 48.17 -13.21
CA ASP B 152 21.06 49.38 -13.33
C ASP B 152 19.92 49.23 -12.33
N THR B 153 18.99 50.18 -12.31
CA THR B 153 17.85 50.11 -11.40
C THR B 153 17.05 48.85 -11.67
N PRO B 154 16.52 48.23 -10.60
CA PRO B 154 15.72 47.01 -10.75
C PRO B 154 14.59 47.29 -11.71
N GLU B 155 14.29 48.57 -11.86
CA GLU B 155 13.24 49.04 -12.74
C GLU B 155 13.56 48.80 -14.20
N ARG B 156 14.61 49.46 -14.69
CA ARG B 156 14.99 49.33 -16.09
C ARG B 156 15.55 47.95 -16.43
N LEU B 157 16.14 47.28 -15.45
CA LEU B 157 16.71 45.96 -15.67
C LEU B 157 15.60 44.99 -16.05
N ASP B 158 14.50 45.01 -15.31
CA ASP B 158 13.36 44.14 -15.60
C ASP B 158 12.89 44.41 -17.02
N GLU B 159 12.93 45.68 -17.41
CA GLU B 159 12.52 46.06 -18.76
C GLU B 159 13.48 45.41 -19.75
N LEU B 160 14.77 45.58 -19.49
CA LEU B 160 15.82 45.04 -20.35
C LEU B 160 15.80 43.51 -20.42
N LYS B 161 15.54 42.84 -19.31
CA LYS B 161 15.49 41.39 -19.31
C LYS B 161 14.46 40.94 -20.35
N GLU B 162 13.29 41.54 -20.28
CA GLU B 162 12.19 41.21 -21.18
C GLU B 162 12.57 41.35 -22.65
N ILE B 163 13.12 42.50 -23.03
CA ILE B 163 13.49 42.73 -24.43
C ILE B 163 14.73 41.96 -24.88
N LEU B 164 15.64 41.67 -23.95
CA LEU B 164 16.85 40.93 -24.29
C LEU B 164 16.56 39.43 -24.35
N SER B 165 15.69 38.96 -23.46
CA SER B 165 15.35 37.55 -23.43
C SER B 165 14.68 37.16 -24.75
N GLU B 166 13.79 38.03 -25.23
CA GLU B 166 13.07 37.81 -26.48
C GLU B 166 14.05 37.65 -27.64
N ARG B 167 14.78 38.73 -27.90
CA ARG B 167 15.73 38.79 -28.99
C ARG B 167 16.79 37.69 -29.03
N PHE B 168 17.37 37.35 -27.89
CA PHE B 168 18.43 36.34 -27.89
C PHE B 168 18.12 35.01 -27.21
N LYS B 169 16.85 34.74 -26.97
CA LYS B 169 16.43 33.52 -26.31
C LYS B 169 16.94 32.24 -26.99
N ASP B 170 17.26 32.34 -28.28
CA ASP B 170 17.71 31.19 -29.04
C ASP B 170 19.18 30.80 -28.87
N VAL B 171 19.99 31.73 -28.36
CA VAL B 171 21.41 31.44 -28.17
C VAL B 171 21.96 31.81 -26.81
N VAL B 172 21.13 32.42 -25.97
CA VAL B 172 21.62 32.84 -24.66
C VAL B 172 20.56 32.80 -23.57
N LYS B 173 21.01 32.80 -22.32
CA LYS B 173 20.12 32.78 -21.17
C LYS B 173 20.27 34.12 -20.44
N VAL B 174 19.15 34.81 -20.19
CA VAL B 174 19.20 36.11 -19.49
C VAL B 174 18.33 36.09 -18.23
N PHE B 175 18.93 36.36 -17.08
CA PHE B 175 18.18 36.37 -15.83
C PHE B 175 18.72 37.33 -14.79
N LYS B 176 17.87 37.70 -13.85
CA LYS B 176 18.23 38.60 -12.76
C LYS B 176 18.83 37.76 -11.64
N SER B 177 20.12 37.94 -11.38
CA SER B 177 20.77 37.19 -10.30
C SER B 177 20.48 37.91 -8.99
N PHE B 178 20.22 39.21 -9.10
CA PHE B 178 19.90 40.07 -7.97
C PHE B 178 19.19 41.31 -8.50
N PRO B 179 18.40 41.99 -7.65
CA PRO B 179 17.65 43.20 -8.02
C PRO B 179 18.34 44.17 -8.98
N THR B 180 19.66 44.30 -8.85
CA THR B 180 20.40 45.21 -9.71
C THR B 180 21.40 44.51 -10.62
N TYR B 181 21.36 43.19 -10.67
CA TYR B 181 22.26 42.42 -11.53
C TYR B 181 21.51 41.56 -12.55
N LEU B 182 21.67 41.88 -13.82
CA LEU B 182 21.04 41.10 -14.88
C LEU B 182 22.17 40.35 -15.56
N GLU B 183 22.09 39.03 -15.60
CA GLU B 183 23.14 38.23 -16.21
C GLU B 183 22.74 37.62 -17.56
N ILE B 184 23.73 37.46 -18.42
CA ILE B 184 23.55 36.87 -19.73
C ILE B 184 24.62 35.79 -19.82
N VAL B 185 24.21 34.53 -19.91
CA VAL B 185 25.14 33.41 -19.94
C VAL B 185 24.83 32.44 -21.09
N PRO B 186 25.80 31.57 -21.42
CA PRO B 186 25.61 30.59 -22.50
C PRO B 186 24.32 29.79 -22.33
N LYS B 187 23.66 29.52 -23.45
CA LYS B 187 22.40 28.81 -23.51
C LYS B 187 22.18 27.67 -22.51
N ASN B 188 22.76 26.50 -22.77
CA ASN B 188 22.53 25.37 -21.87
C ASN B 188 23.72 24.89 -21.03
N VAL B 189 24.03 25.66 -20.00
CA VAL B 189 25.11 25.31 -19.11
C VAL B 189 24.57 25.50 -17.70
N ASP B 190 24.93 24.58 -16.81
CA ASP B 190 24.51 24.65 -15.42
C ASP B 190 25.39 23.67 -14.64
N LYS B 191 25.35 23.75 -13.31
CA LYS B 191 26.17 22.87 -12.47
C LYS B 191 25.92 21.38 -12.75
N GLY B 192 24.68 21.03 -13.04
CA GLY B 192 24.34 19.64 -13.33
C GLY B 192 25.02 19.13 -14.58
N LYS B 193 24.94 19.90 -15.65
CA LYS B 193 25.55 19.52 -16.92
C LYS B 193 27.05 19.42 -16.79
N ALA B 194 27.64 20.28 -15.95
CA ALA B 194 29.08 20.25 -15.77
C ALA B 194 29.48 19.01 -14.97
N LEU B 195 28.69 18.65 -13.96
CA LEU B 195 29.01 17.48 -13.15
C LEU B 195 28.85 16.17 -13.94
N ARG B 196 27.87 16.13 -14.83
CA ARG B 196 27.64 14.94 -15.64
C ARG B 196 28.85 14.75 -16.55
N PHE B 197 29.30 15.88 -17.11
CA PHE B 197 30.46 15.90 -17.98
C PHE B 197 31.68 15.35 -17.23
N LEU B 198 31.91 15.87 -16.03
CA LEU B 198 33.04 15.45 -15.21
C LEU B 198 32.91 13.98 -14.85
N ARG B 199 31.66 13.54 -14.64
CA ARG B 199 31.37 12.16 -14.30
C ARG B 199 31.78 11.21 -15.42
N GLU B 200 31.40 11.55 -16.65
CA GLU B 200 31.74 10.73 -17.80
C GLU B 200 33.23 10.72 -18.02
N ARG B 201 33.86 11.86 -17.73
CA ARG B 201 35.29 12.03 -17.88
C ARG B 201 36.08 11.19 -16.88
N MET B 202 35.66 11.25 -15.63
CA MET B 202 36.33 10.55 -14.56
C MET B 202 35.84 9.11 -14.38
N ASN B 203 34.71 8.81 -15.02
CA ASN B 203 34.08 7.49 -14.95
C ASN B 203 33.40 7.23 -13.61
N TRP B 204 32.78 8.27 -13.05
CA TRP B 204 32.05 8.13 -11.80
C TRP B 204 30.77 7.40 -12.15
N LYS B 205 30.11 6.85 -11.14
CA LYS B 205 28.82 6.22 -11.34
C LYS B 205 27.94 7.07 -10.43
N LYS B 206 26.76 7.43 -10.91
CA LYS B 206 25.84 8.26 -10.15
C LYS B 206 25.70 7.76 -8.71
N GLU B 207 25.55 6.45 -8.55
CA GLU B 207 25.38 5.80 -7.25
C GLU B 207 26.42 6.14 -6.18
N GLU B 208 27.63 6.50 -6.60
CA GLU B 208 28.66 6.82 -5.63
C GLU B 208 28.90 8.33 -5.43
N ILE B 209 28.00 9.17 -5.94
CA ILE B 209 28.16 10.62 -5.80
C ILE B 209 27.21 11.25 -4.79
N VAL B 210 27.77 12.07 -3.90
CA VAL B 210 26.98 12.79 -2.90
C VAL B 210 27.11 14.27 -3.23
N VAL B 211 25.99 15.00 -3.22
CA VAL B 211 26.02 16.43 -3.51
C VAL B 211 25.37 17.24 -2.39
N PHE B 212 26.06 18.29 -1.95
CA PHE B 212 25.57 19.18 -0.90
C PHE B 212 25.25 20.52 -1.57
N GLY B 213 24.00 20.97 -1.45
CA GLY B 213 23.64 22.23 -2.08
C GLY B 213 22.82 23.12 -1.17
N ASP B 214 22.19 24.12 -1.77
CA ASP B 214 21.35 25.07 -1.05
C ASP B 214 20.67 25.98 -2.05
N ASN B 215 21.09 25.86 -3.31
CA ASN B 215 20.63 26.72 -4.40
C ASN B 215 19.75 26.12 -5.49
N GLU B 216 19.12 27.02 -6.23
CA GLU B 216 18.30 26.67 -7.38
C GLU B 216 19.35 26.16 -8.37
N ASN B 217 20.53 26.78 -8.31
CA ASN B 217 21.65 26.42 -9.17
C ASN B 217 22.12 25.00 -8.87
N ASP B 218 22.05 24.61 -7.59
CA ASP B 218 22.48 23.30 -7.13
C ASP B 218 21.42 22.23 -7.41
N LEU B 219 20.20 22.66 -7.66
CA LEU B 219 19.11 21.74 -7.95
C LEU B 219 19.47 20.89 -9.17
N PHE B 220 20.20 21.50 -10.10
CA PHE B 220 20.64 20.83 -11.31
C PHE B 220 21.65 19.73 -11.00
N MET B 221 22.42 19.90 -9.93
CA MET B 221 23.41 18.89 -9.57
C MET B 221 22.75 17.71 -8.88
N PHE B 222 21.62 17.96 -8.23
CA PHE B 222 20.89 16.91 -7.53
C PHE B 222 20.53 15.78 -8.48
N GLU B 223 20.26 16.15 -9.74
CA GLU B 223 19.87 15.19 -10.75
C GLU B 223 21.01 14.29 -11.22
N GLU B 224 22.24 14.67 -10.89
CA GLU B 224 23.41 13.88 -11.29
C GLU B 224 24.03 13.09 -10.14
N ALA B 225 23.33 13.01 -9.01
CA ALA B 225 23.90 12.31 -7.86
C ALA B 225 23.03 11.22 -7.25
N GLY B 226 23.67 10.37 -6.47
CA GLY B 226 22.98 9.29 -5.79
C GLY B 226 22.36 9.76 -4.48
N LEU B 227 23.04 10.65 -3.77
CA LEU B 227 22.51 11.17 -2.49
C LEU B 227 22.43 12.69 -2.55
N ARG B 228 21.29 13.25 -2.15
CA ARG B 228 21.11 14.71 -2.21
C ARG B 228 20.95 15.37 -0.83
N VAL B 229 21.90 16.22 -0.48
CA VAL B 229 21.84 16.88 0.82
C VAL B 229 21.58 18.37 0.67
N ALA B 230 20.53 18.84 1.32
CA ALA B 230 20.17 20.25 1.31
C ALA B 230 20.53 20.89 2.66
N MET B 231 21.15 22.05 2.64
CA MET B 231 21.50 22.74 3.88
C MET B 231 20.22 23.22 4.55
N GLU B 232 20.22 23.35 5.87
CA GLU B 232 19.01 23.80 6.57
C GLU B 232 18.62 25.23 6.14
N ASN B 233 19.60 26.01 5.70
CA ASN B 233 19.34 27.38 5.27
C ASN B 233 18.95 27.45 3.79
N ALA B 234 18.91 26.29 3.13
CA ALA B 234 18.54 26.25 1.72
C ALA B 234 17.08 26.62 1.52
N ILE B 235 16.75 27.06 0.31
CA ILE B 235 15.38 27.44 -0.01
C ILE B 235 14.47 26.21 -0.01
N GLU B 236 13.21 26.41 0.34
CA GLU B 236 12.22 25.34 0.40
C GLU B 236 12.24 24.38 -0.80
N LYS B 237 12.33 24.89 -2.01
CA LYS B 237 12.33 24.04 -3.19
C LYS B 237 13.51 23.07 -3.20
N VAL B 238 14.67 23.52 -2.72
CA VAL B 238 15.85 22.67 -2.67
C VAL B 238 15.66 21.62 -1.59
N LYS B 239 15.11 22.03 -0.45
CA LYS B 239 14.84 21.13 0.66
C LYS B 239 13.98 19.96 0.17
N GLU B 240 12.95 20.29 -0.61
CA GLU B 240 12.02 19.31 -1.13
C GLU B 240 12.60 18.32 -2.14
N ALA B 241 13.59 18.75 -2.91
CA ALA B 241 14.19 17.90 -3.92
C ALA B 241 15.29 17.01 -3.36
N SER B 242 15.65 17.24 -2.10
CA SER B 242 16.71 16.49 -1.46
C SER B 242 16.25 15.23 -0.75
N ASP B 243 17.22 14.40 -0.35
CA ASP B 243 16.95 13.18 0.38
C ASP B 243 17.11 13.51 1.87
N ILE B 244 18.06 14.38 2.17
CA ILE B 244 18.35 14.76 3.54
C ILE B 244 18.64 16.25 3.70
N VAL B 245 18.04 16.85 4.73
CA VAL B 245 18.28 18.26 5.01
C VAL B 245 19.11 18.32 6.29
N THR B 246 20.38 18.65 6.12
CA THR B 246 21.32 18.73 7.22
C THR B 246 21.20 20.07 7.97
N LEU B 247 22.21 20.38 8.76
CA LEU B 247 22.21 21.63 9.54
C LEU B 247 22.63 22.82 8.65
N THR B 248 22.63 24.00 9.25
CA THR B 248 22.99 25.24 8.57
C THR B 248 24.46 25.28 8.19
N ASN B 249 24.81 26.16 7.26
CA ASN B 249 26.20 26.32 6.82
C ASN B 249 26.99 27.03 7.93
N ASN B 250 26.26 27.64 8.87
CA ASN B 250 26.90 28.33 9.98
C ASN B 250 27.29 27.32 11.03
N ASP B 251 26.54 26.22 11.05
CA ASP B 251 26.86 25.12 11.93
C ASP B 251 27.63 24.32 10.90
N SER B 252 28.13 23.14 11.24
CA SER B 252 28.86 22.42 10.20
C SER B 252 27.92 21.41 9.54
N GLY B 253 26.97 21.93 8.78
CA GLY B 253 26.00 21.08 8.10
C GLY B 253 26.64 19.98 7.27
N VAL B 254 27.68 20.31 6.53
CA VAL B 254 28.34 19.31 5.69
C VAL B 254 28.86 18.13 6.52
N SER B 255 29.64 18.43 7.55
CA SER B 255 30.20 17.38 8.41
C SER B 255 29.14 16.54 9.09
N TYR B 256 28.05 17.16 9.51
CA TYR B 256 26.99 16.42 10.18
C TYR B 256 26.59 15.18 9.37
N VAL B 257 26.51 15.33 8.06
CA VAL B 257 26.14 14.22 7.19
C VAL B 257 27.36 13.37 6.82
N LEU B 258 28.47 14.04 6.56
CA LEU B 258 29.70 13.36 6.18
C LEU B 258 30.13 12.32 7.21
N GLU B 259 29.84 12.60 8.48
CA GLU B 259 30.21 11.68 9.55
C GLU B 259 29.38 10.41 9.57
N ARG B 260 28.22 10.44 8.90
CA ARG B 260 27.33 9.29 8.88
C ARG B 260 27.14 8.54 7.55
N ILE B 261 27.53 9.10 6.41
CA ILE B 261 27.31 8.40 5.14
C ILE B 261 28.17 7.15 4.91
N SER B 262 27.58 6.14 4.30
CA SER B 262 28.30 4.89 4.03
C SER B 262 29.43 5.15 3.06
N THR B 263 30.66 4.97 3.51
CA THR B 263 31.79 5.21 2.64
C THR B 263 33.01 4.40 3.04
N ASP B 264 33.82 4.09 2.03
CA ASP B 264 35.02 3.29 2.17
C ASP B 264 36.28 4.15 2.18
N CYS B 265 36.11 5.48 2.19
CA CYS B 265 37.24 6.40 2.13
C CYS B 265 38.14 6.52 3.36
N LEU B 266 37.65 6.15 4.53
CA LEU B 266 38.47 6.23 5.74
C LEU B 266 38.84 4.83 6.22
N ASP B 267 38.47 3.84 5.41
CA ASP B 267 38.70 2.41 5.67
C ASP B 267 37.48 1.78 6.32
N MET C 1 -49.97 -4.10 20.44
CA MET C 1 -49.71 -3.26 19.27
C MET C 1 -48.69 -3.97 18.38
N TYR C 2 -48.85 -3.81 17.07
CA TYR C 2 -47.97 -4.46 16.10
C TYR C 2 -46.89 -3.55 15.55
N ARG C 3 -45.68 -4.07 15.44
CA ARG C 3 -44.54 -3.29 14.97
C ARG C 3 -43.71 -3.96 13.88
N VAL C 4 -44.03 -5.22 13.57
CA VAL C 4 -43.31 -5.97 12.53
C VAL C 4 -44.35 -6.47 11.53
N PHE C 5 -44.12 -6.21 10.26
CA PHE C 5 -45.07 -6.58 9.22
C PHE C 5 -44.42 -7.47 8.16
N VAL C 6 -44.87 -8.71 8.08
CA VAL C 6 -44.30 -9.67 7.13
C VAL C 6 -45.20 -9.91 5.91
N PHE C 7 -44.64 -9.74 4.72
CA PHE C 7 -45.42 -9.92 3.51
C PHE C 7 -44.83 -10.94 2.56
N ASP C 8 -45.67 -11.81 2.02
CA ASP C 8 -45.23 -12.76 1.01
C ASP C 8 -45.33 -11.88 -0.24
N LEU C 9 -44.51 -12.13 -1.25
CA LEU C 9 -44.57 -11.33 -2.45
C LEU C 9 -45.64 -11.88 -3.39
N ASP C 10 -45.32 -12.94 -4.11
CA ASP C 10 -46.26 -13.57 -5.04
C ASP C 10 -47.61 -13.88 -4.40
N GLY C 11 -48.67 -13.64 -5.16
CA GLY C 11 -50.03 -13.91 -4.65
C GLY C 11 -50.46 -13.12 -3.43
N THR C 12 -49.60 -12.22 -2.94
CA THR C 12 -49.93 -11.44 -1.75
C THR C 12 -49.73 -9.93 -1.95
N LEU C 13 -48.48 -9.47 -1.95
CA LEU C 13 -48.22 -8.05 -2.17
C LEU C 13 -48.27 -7.75 -3.67
N LEU C 14 -47.78 -8.69 -4.47
CA LEU C 14 -47.78 -8.53 -5.92
C LEU C 14 -49.11 -8.96 -6.51
N ASN C 15 -49.62 -8.20 -7.47
CA ASN C 15 -50.89 -8.58 -8.09
C ASN C 15 -50.60 -9.62 -9.17
N ASP C 16 -51.59 -10.01 -9.96
CA ASP C 16 -51.35 -11.03 -10.98
C ASP C 16 -50.49 -10.61 -12.17
N ASN C 17 -50.06 -9.36 -12.19
CA ASN C 17 -49.18 -8.88 -13.26
C ASN C 17 -47.81 -8.68 -12.63
N LEU C 18 -47.67 -9.16 -11.40
CA LEU C 18 -46.43 -9.07 -10.65
C LEU C 18 -45.98 -7.66 -10.26
N GLU C 19 -46.94 -6.80 -9.92
CA GLU C 19 -46.57 -5.46 -9.50
C GLU C 19 -47.28 -5.06 -8.20
N ILE C 20 -46.72 -4.08 -7.51
CA ILE C 20 -47.28 -3.61 -6.25
C ILE C 20 -48.15 -2.39 -6.52
N SER C 21 -49.42 -2.45 -6.10
CA SER C 21 -50.34 -1.33 -6.29
C SER C 21 -49.75 -0.09 -5.64
N GLU C 22 -50.14 1.09 -6.11
CA GLU C 22 -49.64 2.33 -5.52
C GLU C 22 -50.10 2.44 -4.08
N LYS C 23 -51.33 2.04 -3.80
CA LYS C 23 -51.86 2.10 -2.44
C LYS C 23 -51.03 1.25 -1.48
N ASP C 24 -50.78 -0.01 -1.86
CA ASP C 24 -49.97 -0.90 -1.02
C ASP C 24 -48.58 -0.29 -0.82
N ARG C 25 -48.01 0.23 -1.90
CA ARG C 25 -46.68 0.85 -1.82
C ARG C 25 -46.67 2.00 -0.81
N ARG C 26 -47.65 2.90 -0.93
CA ARG C 26 -47.75 4.04 -0.02
C ARG C 26 -47.84 3.59 1.43
N ASN C 27 -48.72 2.64 1.71
CA ASN C 27 -48.88 2.16 3.07
C ASN C 27 -47.67 1.44 3.64
N ILE C 28 -46.95 0.70 2.80
CA ILE C 28 -45.74 0.02 3.29
C ILE C 28 -44.69 1.10 3.58
N GLU C 29 -44.61 2.09 2.68
CA GLU C 29 -43.64 3.19 2.86
C GLU C 29 -43.85 3.91 4.19
N LYS C 30 -45.10 4.22 4.50
CA LYS C 30 -45.43 4.90 5.75
C LYS C 30 -44.95 4.08 6.96
N LEU C 31 -45.16 2.77 6.91
CA LEU C 31 -44.76 1.89 8.02
C LEU C 31 -43.26 1.70 8.13
N SER C 32 -42.55 1.59 7.01
CA SER C 32 -41.11 1.39 7.03
C SER C 32 -40.40 2.45 7.85
N ARG C 33 -41.09 3.56 8.10
CA ARG C 33 -40.54 4.65 8.89
C ARG C 33 -40.74 4.33 10.37
N LYS C 34 -39.65 4.01 11.06
CA LYS C 34 -39.68 3.67 12.48
C LYS C 34 -40.01 2.21 12.78
N CYS C 35 -40.72 1.54 11.87
CA CYS C 35 -41.08 0.14 12.09
C CYS C 35 -40.42 -0.85 11.13
N TYR C 36 -40.57 -2.14 11.42
CA TYR C 36 -39.94 -3.16 10.59
C TYR C 36 -40.84 -3.85 9.59
N VAL C 37 -40.42 -3.85 8.34
CA VAL C 37 -41.15 -4.50 7.26
C VAL C 37 -40.28 -5.65 6.77
N VAL C 38 -40.87 -6.82 6.58
CA VAL C 38 -40.13 -8.01 6.12
C VAL C 38 -40.76 -8.62 4.87
N PHE C 39 -39.95 -8.95 3.88
CA PHE C 39 -40.47 -9.58 2.67
C PHE C 39 -40.07 -11.06 2.64
N ALA C 40 -41.04 -11.93 2.41
CA ALA C 40 -40.78 -13.36 2.38
C ALA C 40 -41.14 -13.92 1.02
N SER C 41 -40.17 -14.51 0.33
CA SER C 41 -40.44 -15.06 -0.99
C SER C 41 -39.81 -16.41 -1.25
N GLY C 42 -40.30 -17.07 -2.29
CA GLY C 42 -39.77 -18.36 -2.68
C GLY C 42 -38.79 -18.12 -3.81
N ARG C 43 -38.72 -16.87 -4.28
CA ARG C 43 -37.83 -16.49 -5.37
C ARG C 43 -36.39 -16.35 -4.90
N MET C 44 -35.47 -16.16 -5.85
CA MET C 44 -34.05 -15.96 -5.57
C MET C 44 -33.94 -14.67 -4.74
N LEU C 45 -32.80 -14.47 -4.07
CA LEU C 45 -32.61 -13.27 -3.24
C LEU C 45 -32.58 -12.02 -4.11
N VAL C 46 -31.80 -12.05 -5.20
CA VAL C 46 -31.69 -10.91 -6.10
C VAL C 46 -33.06 -10.44 -6.57
N SER C 47 -33.86 -11.38 -7.05
CA SER C 47 -35.19 -11.06 -7.56
C SER C 47 -36.01 -10.33 -6.51
N THR C 48 -35.98 -10.84 -5.28
CA THR C 48 -36.74 -10.22 -4.22
C THR C 48 -36.23 -8.80 -3.92
N LEU C 49 -34.91 -8.66 -3.77
CA LEU C 49 -34.32 -7.36 -3.47
C LEU C 49 -34.60 -6.34 -4.58
N ASN C 50 -34.61 -6.80 -5.83
CA ASN C 50 -34.88 -5.93 -6.96
C ASN C 50 -36.30 -5.39 -6.90
N VAL C 51 -37.22 -6.22 -6.41
CA VAL C 51 -38.60 -5.75 -6.30
C VAL C 51 -38.64 -4.66 -5.22
N GLU C 52 -37.93 -4.90 -4.13
CA GLU C 52 -37.87 -3.94 -3.04
C GLU C 52 -37.29 -2.61 -3.51
N LYS C 53 -36.19 -2.68 -4.27
CA LYS C 53 -35.54 -1.48 -4.78
C LYS C 53 -36.36 -0.74 -5.85
N LYS C 54 -37.11 -1.51 -6.64
CA LYS C 54 -37.93 -0.93 -7.67
C LYS C 54 -39.03 -0.03 -7.11
N TYR C 55 -39.73 -0.52 -6.10
CA TYR C 55 -40.85 0.21 -5.50
C TYR C 55 -40.48 1.09 -4.31
N PHE C 56 -39.36 0.77 -3.66
CA PHE C 56 -38.85 1.54 -2.53
C PHE C 56 -37.37 1.56 -2.89
N LYS C 57 -36.70 2.69 -2.75
CA LYS C 57 -35.29 2.71 -3.14
C LYS C 57 -34.35 2.27 -2.04
N ARG C 58 -34.59 1.06 -1.53
CA ARG C 58 -33.79 0.49 -0.44
C ARG C 58 -34.18 -0.98 -0.28
N THR C 59 -33.51 -1.68 0.62
CA THR C 59 -33.83 -3.08 0.88
C THR C 59 -34.32 -3.22 2.32
N PHE C 60 -34.92 -4.35 2.63
CA PHE C 60 -35.48 -4.61 3.96
C PHE C 60 -35.08 -6.01 4.41
N PRO C 61 -35.40 -6.35 5.67
CA PRO C 61 -35.07 -7.70 6.13
C PRO C 61 -35.83 -8.60 5.16
N THR C 62 -35.13 -9.53 4.52
CA THR C 62 -35.77 -10.39 3.54
C THR C 62 -35.56 -11.88 3.76
N ILE C 63 -36.59 -12.66 3.41
CA ILE C 63 -36.52 -14.12 3.49
C ILE C 63 -36.68 -14.57 2.03
N ALA C 64 -35.69 -15.27 1.50
CA ALA C 64 -35.76 -15.75 0.11
C ALA C 64 -35.59 -17.27 0.04
N TYR C 65 -35.72 -17.81 -1.17
CA TYR C 65 -35.60 -19.25 -1.38
C TYR C 65 -36.52 -20.03 -0.45
N ASN C 66 -37.67 -19.44 -0.15
CA ASN C 66 -38.65 -20.11 0.70
C ASN C 66 -38.12 -20.46 2.10
N GLY C 67 -37.22 -19.64 2.62
CA GLY C 67 -36.69 -19.88 3.95
C GLY C 67 -35.23 -20.26 4.07
N ALA C 68 -34.58 -20.59 2.95
CA ALA C 68 -33.18 -20.99 3.01
C ALA C 68 -32.28 -19.79 3.26
N ILE C 69 -32.78 -18.61 2.94
CA ILE C 69 -31.98 -17.41 3.14
C ILE C 69 -32.69 -16.31 3.92
N VAL C 70 -31.92 -15.66 4.79
CA VAL C 70 -32.43 -14.53 5.57
C VAL C 70 -31.39 -13.45 5.36
N TYR C 71 -31.84 -12.26 4.97
CA TYR C 71 -30.93 -11.15 4.71
C TYR C 71 -31.32 -9.88 5.46
N LEU C 72 -30.31 -9.08 5.80
CA LEU C 72 -30.51 -7.81 6.50
C LEU C 72 -29.73 -6.75 5.72
N PRO C 73 -30.36 -5.59 5.47
CA PRO C 73 -29.72 -4.49 4.74
C PRO C 73 -28.27 -4.20 5.16
N GLU C 74 -28.02 -4.22 6.46
CA GLU C 74 -26.68 -3.92 6.96
C GLU C 74 -25.72 -5.11 7.06
N GLU C 75 -26.21 -6.23 7.57
CA GLU C 75 -25.39 -7.42 7.74
C GLU C 75 -25.26 -8.26 6.48
N GLY C 76 -26.31 -8.28 5.66
CA GLY C 76 -26.29 -9.09 4.47
C GLY C 76 -26.95 -10.41 4.85
N VAL C 77 -26.59 -11.50 4.19
CA VAL C 77 -27.17 -12.81 4.51
C VAL C 77 -26.69 -13.27 5.89
N ILE C 78 -27.62 -13.67 6.77
CA ILE C 78 -27.25 -14.15 8.10
C ILE C 78 -27.67 -15.60 8.30
N LEU C 79 -28.38 -16.15 7.31
CA LEU C 79 -28.82 -17.55 7.32
C LEU C 79 -28.67 -18.01 5.88
N ASN C 80 -27.90 -19.08 5.67
CA ASN C 80 -27.64 -19.59 4.34
C ASN C 80 -27.80 -21.12 4.27
N GLU C 81 -29.03 -21.60 4.23
CA GLU C 81 -29.30 -23.04 4.16
C GLU C 81 -29.04 -23.56 2.75
N LYS C 82 -28.35 -24.70 2.63
CA LYS C 82 -28.07 -25.28 1.33
C LYS C 82 -27.69 -26.76 1.35
N ILE C 83 -27.70 -27.40 0.18
CA ILE C 83 -27.32 -28.80 0.09
C ILE C 83 -25.79 -28.83 0.18
N PRO C 84 -25.24 -29.56 1.15
CA PRO C 84 -23.77 -29.61 1.26
C PRO C 84 -23.14 -30.20 0.01
N PRO C 85 -21.86 -29.87 -0.25
CA PRO C 85 -21.09 -30.33 -1.41
C PRO C 85 -21.16 -31.84 -1.67
N GLU C 86 -20.87 -32.65 -0.66
CA GLU C 86 -20.87 -34.11 -0.81
C GLU C 86 -22.22 -34.68 -1.22
N VAL C 87 -23.30 -34.14 -0.69
CA VAL C 87 -24.64 -34.59 -1.03
C VAL C 87 -24.95 -34.19 -2.47
N ALA C 88 -24.67 -32.93 -2.82
CA ALA C 88 -24.93 -32.42 -4.17
C ALA C 88 -24.17 -33.27 -5.16
N LYS C 89 -22.92 -33.61 -4.81
CA LYS C 89 -22.10 -34.44 -5.67
C LYS C 89 -22.80 -35.78 -5.93
N ASP C 90 -23.23 -36.45 -4.86
CA ASP C 90 -23.92 -37.74 -4.97
C ASP C 90 -25.19 -37.68 -5.83
N ILE C 91 -25.98 -36.61 -5.65
CA ILE C 91 -27.21 -36.45 -6.42
C ILE C 91 -26.94 -36.22 -7.90
N ILE C 92 -25.97 -35.35 -8.20
CA ILE C 92 -25.62 -35.06 -9.57
C ILE C 92 -25.05 -36.28 -10.30
N GLU C 93 -24.18 -37.01 -9.63
CA GLU C 93 -23.59 -38.19 -10.24
C GLU C 93 -24.63 -39.29 -10.44
N TYR C 94 -25.66 -39.29 -9.61
CA TYR C 94 -26.72 -40.27 -9.68
C TYR C 94 -27.62 -39.97 -10.87
N ILE C 95 -27.70 -38.69 -11.21
CA ILE C 95 -28.55 -38.22 -12.27
C ILE C 95 -27.92 -38.08 -13.66
N LYS C 96 -26.59 -38.03 -13.72
CA LYS C 96 -25.91 -37.87 -15.00
C LYS C 96 -26.27 -38.91 -16.06
N PRO C 97 -26.31 -40.20 -15.69
CA PRO C 97 -26.65 -41.25 -16.64
C PRO C 97 -28.07 -41.16 -17.20
N LEU C 98 -28.94 -40.46 -16.47
CA LEU C 98 -30.34 -40.32 -16.87
C LEU C 98 -30.61 -39.16 -17.81
N ASN C 99 -29.55 -38.55 -18.30
CA ASN C 99 -29.65 -37.42 -19.22
C ASN C 99 -30.87 -36.52 -19.00
N VAL C 100 -30.81 -35.71 -17.96
CA VAL C 100 -31.88 -34.77 -17.63
C VAL C 100 -31.24 -33.42 -17.42
N HIS C 101 -31.97 -32.35 -17.76
CA HIS C 101 -31.44 -31.02 -17.56
C HIS C 101 -31.56 -30.60 -16.10
N TRP C 102 -30.47 -30.10 -15.55
CA TRP C 102 -30.49 -29.63 -14.17
C TRP C 102 -29.71 -28.33 -14.09
N GLN C 103 -30.08 -27.48 -13.12
CA GLN C 103 -29.42 -26.21 -12.93
C GLN C 103 -29.19 -26.02 -11.44
N ALA C 104 -28.21 -25.19 -11.09
CA ALA C 104 -27.89 -24.95 -9.69
C ALA C 104 -27.88 -23.46 -9.32
N TYR C 105 -28.11 -23.21 -8.03
CA TYR C 105 -28.12 -21.86 -7.49
C TYR C 105 -26.99 -21.78 -6.49
N ILE C 106 -25.93 -21.07 -6.87
CA ILE C 106 -24.74 -20.92 -6.04
C ILE C 106 -24.51 -19.46 -5.67
N ASP C 107 -24.55 -19.15 -4.37
CA ASP C 107 -24.36 -17.78 -3.89
C ASP C 107 -25.21 -16.80 -4.70
N ASP C 108 -26.46 -17.20 -4.90
CA ASP C 108 -27.46 -16.40 -5.60
C ASP C 108 -27.20 -16.12 -7.09
N VAL C 109 -26.59 -17.07 -7.79
CA VAL C 109 -26.35 -16.97 -9.22
C VAL C 109 -26.90 -18.29 -9.80
N LEU C 110 -27.68 -18.20 -10.88
CA LEU C 110 -28.26 -19.37 -11.52
C LEU C 110 -27.25 -19.94 -12.52
N TYR C 111 -26.96 -21.23 -12.41
CA TYR C 111 -25.99 -21.87 -13.31
C TYR C 111 -26.59 -23.02 -14.09
N SER C 112 -26.08 -23.23 -15.30
CA SER C 112 -26.52 -24.31 -16.16
C SER C 112 -25.30 -24.85 -16.91
N GLU C 113 -25.25 -26.16 -17.06
CA GLU C 113 -24.13 -26.82 -17.77
C GLU C 113 -24.14 -26.41 -19.24
N LYS C 114 -25.33 -26.34 -19.82
CA LYS C 114 -25.48 -25.98 -21.23
C LYS C 114 -26.43 -24.81 -21.46
N ASP C 115 -26.20 -24.06 -22.53
CA ASP C 115 -27.07 -22.95 -22.84
C ASP C 115 -28.14 -23.48 -23.79
N ASN C 116 -29.06 -24.27 -23.25
CA ASN C 116 -30.11 -24.88 -24.05
C ASN C 116 -31.46 -24.16 -23.98
N GLU C 117 -32.49 -24.87 -24.42
CA GLU C 117 -33.85 -24.34 -24.42
C GLU C 117 -34.46 -24.29 -23.02
N GLU C 118 -34.20 -25.34 -22.23
CA GLU C 118 -34.74 -25.39 -20.87
C GLU C 118 -34.35 -24.16 -20.05
N ILE C 119 -33.06 -23.87 -20.01
CA ILE C 119 -32.57 -22.72 -19.26
C ILE C 119 -33.05 -21.40 -19.87
N LYS C 120 -33.04 -21.30 -21.19
CA LYS C 120 -33.50 -20.07 -21.85
C LYS C 120 -34.97 -19.83 -21.50
N SER C 121 -35.76 -20.89 -21.52
CA SER C 121 -37.18 -20.78 -21.21
C SER C 121 -37.43 -20.52 -19.72
N TYR C 122 -36.57 -21.05 -18.85
CA TYR C 122 -36.76 -20.83 -17.42
C TYR C 122 -36.39 -19.40 -17.01
N ALA C 123 -35.22 -18.94 -17.44
CA ALA C 123 -34.79 -17.59 -17.12
C ALA C 123 -35.76 -16.56 -17.69
N ARG C 124 -36.59 -17.02 -18.62
CA ARG C 124 -37.57 -16.18 -19.29
C ARG C 124 -38.80 -15.99 -18.40
N HIS C 125 -39.46 -17.10 -18.06
CA HIS C 125 -40.65 -17.06 -17.22
C HIS C 125 -40.36 -16.62 -15.78
N SER C 126 -39.08 -16.65 -15.41
CA SER C 126 -38.69 -16.28 -14.05
C SER C 126 -38.03 -14.91 -13.96
N ASN C 127 -37.77 -14.30 -15.12
CA ASN C 127 -37.15 -12.98 -15.17
C ASN C 127 -35.89 -12.96 -14.31
N VAL C 128 -34.92 -13.81 -14.67
CA VAL C 128 -33.66 -13.88 -13.96
C VAL C 128 -32.55 -14.13 -14.95
N ASP C 129 -31.33 -13.84 -14.55
CA ASP C 129 -30.18 -14.07 -15.42
C ASP C 129 -29.54 -15.41 -15.04
N TYR C 130 -28.61 -15.87 -15.86
CA TYR C 130 -27.94 -17.13 -15.57
C TYR C 130 -26.59 -17.19 -16.26
N ARG C 131 -25.80 -18.18 -15.86
CA ARG C 131 -24.49 -18.39 -16.45
C ARG C 131 -24.37 -19.83 -16.91
N VAL C 132 -23.64 -20.04 -17.99
CA VAL C 132 -23.44 -21.39 -18.50
C VAL C 132 -22.05 -21.78 -18.05
N GLU C 133 -21.96 -22.90 -17.35
CA GLU C 133 -20.72 -23.40 -16.82
C GLU C 133 -20.58 -24.89 -17.14
N PRO C 134 -19.84 -25.23 -18.22
CA PRO C 134 -19.67 -26.64 -18.59
C PRO C 134 -19.13 -27.55 -17.49
N ASN C 135 -18.41 -26.97 -16.52
CA ASN C 135 -17.86 -27.74 -15.41
C ASN C 135 -18.67 -27.53 -14.14
N LEU C 136 -19.98 -27.36 -14.28
CA LEU C 136 -20.83 -27.11 -13.12
C LEU C 136 -20.81 -28.20 -12.05
N SER C 137 -20.78 -29.47 -12.46
CA SER C 137 -20.76 -30.57 -11.50
C SER C 137 -19.53 -30.50 -10.59
N GLU C 138 -18.38 -30.16 -11.17
CA GLU C 138 -17.17 -30.04 -10.35
C GLU C 138 -17.32 -28.84 -9.41
N LEU C 139 -17.92 -27.77 -9.92
CA LEU C 139 -18.12 -26.56 -9.12
C LEU C 139 -19.07 -26.86 -7.96
N VAL C 140 -20.22 -27.45 -8.26
CA VAL C 140 -21.20 -27.80 -7.24
C VAL C 140 -20.67 -28.86 -6.27
N SER C 141 -19.80 -29.73 -6.76
CA SER C 141 -19.24 -30.77 -5.90
C SER C 141 -18.39 -30.15 -4.79
N LYS C 142 -17.90 -28.94 -5.05
CA LYS C 142 -17.09 -28.24 -4.07
C LYS C 142 -17.85 -27.22 -3.23
N MET C 143 -18.61 -26.35 -3.89
CA MET C 143 -19.35 -25.29 -3.19
C MET C 143 -20.74 -25.64 -2.66
N GLY C 144 -21.29 -26.78 -3.06
CA GLY C 144 -22.64 -27.09 -2.62
C GLY C 144 -23.58 -26.18 -3.41
N THR C 145 -24.88 -26.31 -3.20
CA THR C 145 -25.83 -25.47 -3.93
C THR C 145 -27.09 -25.23 -3.08
N THR C 146 -27.67 -24.03 -3.17
CA THR C 146 -28.87 -23.70 -2.40
C THR C 146 -29.95 -24.69 -2.76
N LYS C 147 -29.98 -25.09 -4.04
CA LYS C 147 -30.95 -26.06 -4.52
C LYS C 147 -30.66 -26.49 -5.96
N LEU C 148 -31.34 -27.54 -6.39
CA LEU C 148 -31.18 -28.04 -7.76
C LEU C 148 -32.54 -28.05 -8.42
N LEU C 149 -32.58 -27.73 -9.70
CA LEU C 149 -33.85 -27.74 -10.42
C LEU C 149 -33.67 -28.51 -11.71
N LEU C 150 -34.53 -29.50 -11.91
CA LEU C 150 -34.49 -30.32 -13.12
C LEU C 150 -35.72 -29.98 -13.95
N ILE C 151 -35.57 -30.04 -15.26
CA ILE C 151 -36.70 -29.75 -16.13
C ILE C 151 -36.79 -30.72 -17.29
N ASP C 152 -37.99 -31.24 -17.51
CA ASP C 152 -38.26 -32.18 -18.58
C ASP C 152 -39.79 -32.24 -18.71
N THR C 153 -40.28 -33.20 -19.50
CA THR C 153 -41.72 -33.35 -19.67
C THR C 153 -42.29 -33.72 -18.31
N PRO C 154 -43.55 -33.34 -18.04
CA PRO C 154 -44.19 -33.65 -16.76
C PRO C 154 -44.13 -35.15 -16.48
N GLU C 155 -44.29 -35.91 -17.56
CA GLU C 155 -44.26 -37.37 -17.53
C GLU C 155 -42.98 -37.90 -16.90
N ARG C 156 -41.84 -37.58 -17.52
CA ARG C 156 -40.56 -38.05 -17.04
C ARG C 156 -40.18 -37.46 -15.69
N LEU C 157 -40.61 -36.22 -15.43
CA LEU C 157 -40.29 -35.57 -14.18
C LEU C 157 -40.99 -36.31 -13.04
N ASP C 158 -42.17 -36.84 -13.32
CA ASP C 158 -42.93 -37.59 -12.31
C ASP C 158 -42.14 -38.85 -11.92
N GLU C 159 -41.48 -39.47 -12.90
CA GLU C 159 -40.71 -40.67 -12.66
C GLU C 159 -39.47 -40.33 -11.84
N LEU C 160 -38.76 -39.29 -12.24
CA LEU C 160 -37.57 -38.85 -11.55
C LEU C 160 -37.85 -38.47 -10.10
N LYS C 161 -38.96 -37.77 -9.89
CA LYS C 161 -39.37 -37.36 -8.56
C LYS C 161 -39.46 -38.60 -7.68
N GLU C 162 -39.95 -39.69 -8.26
CA GLU C 162 -40.11 -40.96 -7.57
C GLU C 162 -38.77 -41.55 -7.13
N ILE C 163 -37.85 -41.74 -8.07
CA ILE C 163 -36.57 -42.34 -7.71
C ILE C 163 -35.69 -41.47 -6.83
N LEU C 164 -35.60 -40.17 -7.13
CA LEU C 164 -34.75 -39.28 -6.34
C LEU C 164 -35.29 -39.09 -4.93
N SER C 165 -36.61 -39.06 -4.80
CA SER C 165 -37.20 -38.88 -3.50
C SER C 165 -37.02 -40.15 -2.65
N GLU C 166 -37.13 -41.31 -3.29
CA GLU C 166 -36.96 -42.58 -2.58
C GLU C 166 -35.51 -42.82 -2.23
N ARG C 167 -34.62 -42.37 -3.10
CA ARG C 167 -33.19 -42.55 -2.88
C ARG C 167 -32.51 -41.53 -1.97
N PHE C 168 -33.02 -40.29 -1.96
CA PHE C 168 -32.40 -39.23 -1.16
C PHE C 168 -33.28 -38.61 -0.07
N LYS C 169 -34.40 -39.26 0.22
CA LYS C 169 -35.33 -38.79 1.22
C LYS C 169 -34.71 -38.48 2.59
N ASP C 170 -33.55 -39.08 2.88
CA ASP C 170 -32.89 -38.88 4.16
C ASP C 170 -32.14 -37.56 4.30
N VAL C 171 -31.74 -36.98 3.18
CA VAL C 171 -30.98 -35.75 3.24
C VAL C 171 -31.51 -34.59 2.41
N VAL C 172 -32.51 -34.86 1.59
CA VAL C 172 -33.04 -33.81 0.75
C VAL C 172 -34.54 -33.95 0.56
N LYS C 173 -35.17 -32.91 0.05
CA LYS C 173 -36.61 -32.94 -0.22
C LYS C 173 -36.80 -32.65 -1.70
N VAL C 174 -37.54 -33.49 -2.39
CA VAL C 174 -37.75 -33.27 -3.82
C VAL C 174 -39.23 -33.17 -4.10
N PHE C 175 -39.61 -32.24 -4.98
CA PHE C 175 -41.01 -32.05 -5.31
C PHE C 175 -41.17 -31.23 -6.59
N LYS C 176 -42.36 -31.33 -7.18
CA LYS C 176 -42.67 -30.58 -8.40
C LYS C 176 -43.23 -29.22 -7.97
N SER C 177 -42.61 -28.16 -8.45
CA SER C 177 -43.09 -26.80 -8.12
C SER C 177 -44.04 -26.39 -9.24
N PHE C 178 -43.86 -27.03 -10.39
CA PHE C 178 -44.67 -26.79 -11.57
C PHE C 178 -44.61 -28.07 -12.38
N PRO C 179 -45.53 -28.26 -13.34
CA PRO C 179 -45.55 -29.46 -14.17
C PRO C 179 -44.22 -29.84 -14.82
N THR C 180 -43.39 -28.85 -15.13
CA THR C 180 -42.11 -29.13 -15.76
C THR C 180 -40.88 -28.75 -14.93
N TYR C 181 -41.10 -28.39 -13.67
CA TYR C 181 -39.98 -28.04 -12.78
C TYR C 181 -39.94 -28.99 -11.60
N LEU C 182 -38.84 -29.73 -11.48
CA LEU C 182 -38.63 -30.67 -10.38
C LEU C 182 -37.59 -30.02 -9.48
N GLU C 183 -37.96 -29.71 -8.23
CA GLU C 183 -37.01 -29.07 -7.31
C GLU C 183 -36.41 -29.97 -6.24
N ILE C 184 -35.14 -29.73 -5.90
CA ILE C 184 -34.47 -30.49 -4.85
C ILE C 184 -33.84 -29.47 -3.88
N VAL C 185 -34.31 -29.47 -2.63
CA VAL C 185 -33.83 -28.53 -1.62
C VAL C 185 -33.54 -29.20 -0.28
N PRO C 186 -32.90 -28.47 0.65
CA PRO C 186 -32.59 -29.05 1.97
C PRO C 186 -33.88 -29.42 2.68
N LYS C 187 -33.80 -30.38 3.61
CA LYS C 187 -34.96 -30.86 4.35
C LYS C 187 -35.60 -29.98 5.43
N ASN C 188 -34.80 -29.38 6.29
CA ASN C 188 -35.36 -28.55 7.37
C ASN C 188 -35.48 -27.07 7.00
N VAL C 189 -36.23 -26.77 5.94
CA VAL C 189 -36.36 -25.38 5.52
C VAL C 189 -37.74 -24.93 5.08
N ASP C 190 -38.17 -23.80 5.65
CA ASP C 190 -39.44 -23.20 5.32
C ASP C 190 -39.43 -21.77 5.87
N LYS C 191 -40.32 -20.94 5.35
CA LYS C 191 -40.41 -19.55 5.76
C LYS C 191 -40.59 -19.38 7.27
N GLY C 192 -41.27 -20.33 7.90
CA GLY C 192 -41.49 -20.28 9.33
C GLY C 192 -40.21 -20.35 10.15
N LYS C 193 -39.31 -21.28 9.82
CA LYS C 193 -38.05 -21.39 10.54
C LYS C 193 -37.19 -20.17 10.30
N ALA C 194 -37.20 -19.67 9.07
CA ALA C 194 -36.44 -18.48 8.74
C ALA C 194 -36.98 -17.28 9.55
N LEU C 195 -38.30 -17.20 9.71
CA LEU C 195 -38.88 -16.09 10.47
C LEU C 195 -38.57 -16.20 11.95
N ARG C 196 -38.49 -17.42 12.45
CA ARG C 196 -38.19 -17.64 13.86
C ARG C 196 -36.73 -17.26 14.11
N PHE C 197 -35.86 -17.59 13.16
CA PHE C 197 -34.44 -17.27 13.26
C PHE C 197 -34.29 -15.74 13.32
N LEU C 198 -35.04 -15.06 12.46
CA LEU C 198 -35.01 -13.59 12.40
C LEU C 198 -35.53 -13.02 13.72
N ARG C 199 -36.59 -13.63 14.27
CA ARG C 199 -37.16 -13.18 15.53
C ARG C 199 -36.13 -13.23 16.68
N GLU C 200 -35.33 -14.28 16.71
CA GLU C 200 -34.31 -14.40 17.76
C GLU C 200 -33.27 -13.31 17.58
N ARG C 201 -32.82 -13.18 16.35
CA ARG C 201 -31.82 -12.18 15.98
C ARG C 201 -32.25 -10.76 16.35
N MET C 202 -33.43 -10.37 15.86
CA MET C 202 -33.97 -9.03 16.06
C MET C 202 -34.68 -8.85 17.39
N ASN C 203 -34.97 -9.95 18.05
CA ASN C 203 -35.66 -9.92 19.33
C ASN C 203 -37.18 -9.63 19.21
N TRP C 204 -37.75 -9.83 18.02
CA TRP C 204 -39.20 -9.62 17.82
C TRP C 204 -39.93 -10.55 18.77
N LYS C 205 -41.06 -10.13 19.30
CA LYS C 205 -41.85 -11.03 20.13
C LYS C 205 -43.03 -11.40 19.21
N LYS C 206 -43.54 -12.61 19.32
CA LYS C 206 -44.65 -13.04 18.48
C LYS C 206 -45.82 -12.06 18.38
N GLU C 207 -46.34 -11.67 19.55
CA GLU C 207 -47.50 -10.79 19.64
C GLU C 207 -47.44 -9.45 18.92
N GLU C 208 -46.26 -9.06 18.46
CA GLU C 208 -46.17 -7.79 17.75
C GLU C 208 -45.95 -8.05 16.25
N ILE C 209 -46.16 -9.30 15.82
CA ILE C 209 -45.96 -9.67 14.42
C ILE C 209 -47.26 -9.93 13.65
N VAL C 210 -47.33 -9.41 12.43
CA VAL C 210 -48.47 -9.64 11.56
C VAL C 210 -47.89 -10.27 10.30
N VAL C 211 -48.51 -11.33 9.78
CA VAL C 211 -48.01 -11.94 8.56
C VAL C 211 -49.16 -12.04 7.56
N PHE C 212 -48.89 -11.70 6.31
CA PHE C 212 -49.88 -11.79 5.22
C PHE C 212 -49.37 -12.90 4.29
N GLY C 213 -50.23 -13.85 3.95
CA GLY C 213 -49.79 -14.94 3.08
C GLY C 213 -50.93 -15.68 2.41
N ASP C 214 -50.70 -16.23 1.23
CA ASP C 214 -51.73 -16.95 0.49
C ASP C 214 -51.38 -18.43 0.29
N ASN C 215 -50.14 -18.77 0.63
CA ASN C 215 -49.57 -20.10 0.42
C ASN C 215 -49.54 -21.16 1.51
N GLU C 216 -49.12 -22.35 1.06
CA GLU C 216 -48.93 -23.51 1.92
C GLU C 216 -47.59 -23.17 2.57
N ASN C 217 -46.73 -22.53 1.77
CA ASN C 217 -45.41 -22.08 2.21
C ASN C 217 -45.55 -21.03 3.30
N ASP C 218 -46.57 -20.19 3.19
CA ASP C 218 -46.81 -19.10 4.15
C ASP C 218 -47.44 -19.58 5.44
N LEU C 219 -48.06 -20.75 5.38
CA LEU C 219 -48.71 -21.30 6.55
C LEU C 219 -47.69 -21.47 7.69
N PHE C 220 -46.46 -21.80 7.31
CA PHE C 220 -45.41 -21.96 8.31
C PHE C 220 -45.13 -20.65 9.08
N MET C 221 -45.34 -19.51 8.43
CA MET C 221 -45.11 -18.22 9.10
C MET C 221 -46.21 -17.87 10.10
N PHE C 222 -47.42 -18.37 9.86
CA PHE C 222 -48.55 -18.11 10.74
C PHE C 222 -48.25 -18.53 12.18
N GLU C 223 -47.50 -19.61 12.33
CA GLU C 223 -47.15 -20.12 13.65
C GLU C 223 -46.24 -19.16 14.40
N GLU C 224 -45.55 -18.30 13.66
CA GLU C 224 -44.62 -17.35 14.25
C GLU C 224 -45.18 -15.95 14.41
N ALA C 225 -46.46 -15.76 14.11
CA ALA C 225 -47.06 -14.42 14.19
C ALA C 225 -48.22 -14.29 15.17
N GLY C 226 -48.48 -13.07 15.59
CA GLY C 226 -49.58 -12.81 16.51
C GLY C 226 -50.91 -12.53 15.81
N LEU C 227 -50.83 -12.11 14.55
CA LEU C 227 -52.05 -11.85 13.78
C LEU C 227 -51.84 -12.49 12.40
N ARG C 228 -52.77 -13.34 11.98
CA ARG C 228 -52.63 -14.03 10.69
C ARG C 228 -53.63 -13.52 9.66
N VAL C 229 -53.09 -13.03 8.55
CA VAL C 229 -53.93 -12.49 7.49
C VAL C 229 -53.85 -13.33 6.22
N ALA C 230 -54.99 -13.89 5.84
CA ALA C 230 -55.08 -14.69 4.63
C ALA C 230 -55.81 -13.84 3.62
N MET C 231 -55.31 -13.83 2.40
CA MET C 231 -55.98 -13.06 1.40
C MET C 231 -57.04 -13.83 0.67
N GLU C 232 -57.94 -13.08 0.05
CA GLU C 232 -59.07 -13.70 -0.62
C GLU C 232 -58.74 -14.78 -1.64
N ASN C 233 -57.62 -14.66 -2.32
CA ASN C 233 -57.19 -15.63 -3.33
C ASN C 233 -56.40 -16.78 -2.72
N ALA C 234 -56.23 -16.77 -1.40
CA ALA C 234 -55.49 -17.84 -0.72
C ALA C 234 -56.23 -19.18 -0.74
N ILE C 235 -55.48 -20.28 -0.70
CA ILE C 235 -56.12 -21.59 -0.70
C ILE C 235 -56.96 -21.72 0.60
N GLU C 236 -57.95 -22.60 0.57
CA GLU C 236 -58.83 -22.81 1.71
C GLU C 236 -58.13 -23.06 3.04
N LYS C 237 -57.08 -23.88 3.02
CA LYS C 237 -56.35 -24.22 4.23
C LYS C 237 -55.76 -22.97 4.91
N VAL C 238 -55.25 -22.05 4.10
CA VAL C 238 -54.67 -20.82 4.62
C VAL C 238 -55.75 -19.94 5.26
N LYS C 239 -56.85 -19.76 4.56
CA LYS C 239 -57.93 -18.94 5.07
C LYS C 239 -58.45 -19.48 6.40
N GLU C 240 -58.60 -20.80 6.46
CA GLU C 240 -59.07 -21.43 7.68
C GLU C 240 -58.11 -21.29 8.86
N ALA C 241 -56.84 -21.07 8.57
CA ALA C 241 -55.84 -20.93 9.63
C ALA C 241 -55.59 -19.47 10.04
N SER C 242 -56.16 -18.53 9.29
CA SER C 242 -55.97 -17.11 9.56
C SER C 242 -57.00 -16.50 10.51
N ASP C 243 -56.74 -15.26 10.89
CA ASP C 243 -57.65 -14.53 11.77
C ASP C 243 -58.59 -13.70 10.90
N ILE C 244 -58.04 -13.15 9.82
CA ILE C 244 -58.80 -12.30 8.93
C ILE C 244 -58.50 -12.62 7.46
N VAL C 245 -59.53 -12.62 6.63
CA VAL C 245 -59.32 -12.84 5.21
C VAL C 245 -59.60 -11.50 4.53
N THR C 246 -58.55 -10.87 4.03
CA THR C 246 -58.70 -9.58 3.37
C THR C 246 -59.06 -9.72 1.88
N LEU C 247 -58.97 -8.63 1.14
CA LEU C 247 -59.31 -8.68 -0.28
C LEU C 247 -58.21 -9.40 -1.04
N THR C 248 -58.34 -9.45 -2.36
CA THR C 248 -57.39 -10.11 -3.27
C THR C 248 -56.06 -9.35 -3.41
N ASN C 249 -55.05 -10.04 -3.93
CA ASN C 249 -53.75 -9.43 -4.18
C ASN C 249 -53.85 -8.52 -5.41
N ASN C 250 -54.96 -8.60 -6.13
CA ASN C 250 -55.21 -7.76 -7.31
C ASN C 250 -55.81 -6.43 -6.85
N ASP C 251 -56.64 -6.48 -5.83
CA ASP C 251 -57.20 -5.25 -5.29
C ASP C 251 -56.02 -4.89 -4.40
N SER C 252 -56.25 -4.28 -3.26
CA SER C 252 -55.10 -3.99 -2.43
C SER C 252 -55.40 -4.60 -1.07
N GLY C 253 -55.47 -5.93 -1.06
CA GLY C 253 -55.78 -6.67 0.15
C GLY C 253 -54.92 -6.29 1.34
N VAL C 254 -53.61 -6.20 1.11
CA VAL C 254 -52.69 -5.83 2.17
C VAL C 254 -53.13 -4.53 2.84
N SER C 255 -53.29 -3.48 2.04
CA SER C 255 -53.69 -2.18 2.53
C SER C 255 -55.01 -2.17 3.27
N TYR C 256 -55.99 -2.91 2.73
CA TYR C 256 -57.30 -2.96 3.35
C TYR C 256 -57.23 -3.30 4.84
N VAL C 257 -56.20 -4.04 5.24
CA VAL C 257 -56.02 -4.42 6.64
C VAL C 257 -55.01 -3.53 7.37
N LEU C 258 -53.89 -3.27 6.70
CA LEU C 258 -52.82 -2.46 7.24
C LEU C 258 -53.34 -1.11 7.77
N GLU C 259 -54.34 -0.54 7.11
CA GLU C 259 -54.88 0.75 7.53
C GLU C 259 -55.69 0.64 8.82
N ARG C 260 -55.91 -0.57 9.33
CA ARG C 260 -56.72 -0.71 10.52
C ARG C 260 -56.13 -1.45 11.72
N ILE C 261 -55.00 -2.13 11.56
CA ILE C 261 -54.46 -2.84 12.72
C ILE C 261 -53.89 -1.85 13.73
N SER C 262 -53.99 -2.18 15.02
CA SER C 262 -53.47 -1.31 16.06
C SER C 262 -51.96 -1.33 15.94
N THR C 263 -51.39 -0.20 15.53
CA THR C 263 -49.95 -0.12 15.37
C THR C 263 -49.29 1.01 16.14
N ASP C 264 -48.10 0.74 16.64
CA ASP C 264 -47.34 1.71 17.40
C ASP C 264 -46.51 2.59 16.46
N CYS C 265 -46.63 2.33 15.16
CA CYS C 265 -45.90 3.07 14.15
C CYS C 265 -46.68 4.32 13.78
N LEU C 266 -46.03 5.25 13.08
CA LEU C 266 -46.67 6.50 12.68
C LEU C 266 -47.00 7.32 13.92
N ASP C 267 -46.09 7.31 14.89
CA ASP C 267 -46.27 8.02 16.16
C ASP C 267 -47.19 7.25 17.09
#